data_8SLO
#
_entry.id   8SLO
#
_cell.length_a   76.398
_cell.length_b   108.526
_cell.length_c   117.548
_cell.angle_alpha   90.00
_cell.angle_beta   90.00
_cell.angle_gamma   90.00
#
_symmetry.space_group_name_H-M   'P 21 21 21'
#
loop_
_entity.id
_entity.type
_entity.pdbx_description
1 polymer 'M1 family aminopeptidase'
2 non-polymer 'ZINC ION'
3 non-polymer "2-hydroxy-N-[(1R)-2-(hydroxyamino)-2-oxo-1-(3',4',5'-trifluoro[1,1'-biphenyl]-4-yl)ethyl]-2-methylpropanamide"
4 non-polymer 'MAGNESIUM ION'
5 non-polymer GLYCEROL
6 water water
#
_entity_poly.entity_id   1
_entity_poly.type   'polypeptide(L)'
_entity_poly.pdbx_seq_one_letter_code
;MKLTKGCAYKYIIFTVLILANILYDNKKRCMIKKNLRISSCGIISRLLKSNSNYNSFNKNYNFTSAISELQFSNFWNLDI
LQKDIFSNIHNNKNKPQSYIIHKRLMSEKGDNNNNNHQNNNGNDNKKRLGSVVNNEENTCSDKRMKPFEEGHGITQVDKM
NNNSDHLQQNGVMNLNSNNVENNNNNNSVVVKKNEPKIHYRKDYKPSGFIINQVTLNINIHDQETIVRSVLDMDISKHNV
GEDLVFDGVGLKINEISINNKKLVEGEEYTYDNEFLTIFSKFVPKSKFAFSSEVIIHPETNYALTGLYKSKNIIVSQCEA
TGFRRITFFIDRPDMMAKYDVTVTADKEKYPVLLSNGDKVNEFEIPGGRHGARFNDPPLKPCYLFAVVAGDLKHLSATYI
TKYTKKKVELYVFSEEKYVSKLQWALECLKKSMAFDEDYFGLEYDLSRLNLVAVSDFNVGAMENKGLNIFNANSLLASKK
NSIDFSYARILTVVGHEYFHQYTGNRVTLRDWFQLTLKEGLTVHRENLFSEEMTKTVTTRLSHVDLLRSVQFLEDSSPLS
HPIRPESYVSMENFYTTTVYDKGSEVMRMYLTILGEEYYKKGFDIYIKKNDGNTATCEDFNYAMEQAYKMKKADNSANLN
QYLLWFSQSGTPHVSFKYNYDAEKKQYSIHVNQYTKPDENQKEKKPLFIPISVGLINPENGKEMISQTTLELTKESDTFV
FNNIAVKPIPSLFRGFSAPVYIEDQLTDEERILLLKYDSDAFVRYNSCTNIYMKQILMNYNEFLKAKNEKLESFQLTPVN
AQFIDAIKYLLEDPHADAGFKSYIVSLPQDRYIINFVSNLDTDVLADTKEYIYKQIGDKLNDVYYKMFKSLEAKADDLTY
FNDESHVDFDQMNMRTLRNTLLSLLSKAQYPNILNEIIEHSKSPYPSNWLTSLSVSAYFDKYFELYDKTYKLSKDDELLL
QEWLKTVSRSDRKDIYEILKKLENEVLKDSKNPNDIRAVYLPFTNNLRRFHDISGKGYKLIAEVITKTDKFNPMVATQLC
EPFKLWNKLDTKRQELMLNEMNTMLQEPQISNNLKEYLLRLTNKLHHHHHH
;
_entity_poly.pdbx_strand_id   A
#
# COMPACT_ATOMS: atom_id res chain seq x y z
N PRO A 196 -9.20 14.23 23.95
CA PRO A 196 -8.54 13.18 23.16
C PRO A 196 -7.07 13.02 23.55
N LYS A 197 -6.69 11.83 24.02
CA LYS A 197 -5.34 11.63 24.49
C LYS A 197 -4.36 11.59 23.32
N ILE A 198 -3.23 12.29 23.49
CA ILE A 198 -2.13 12.22 22.55
C ILE A 198 -1.04 11.35 23.14
N HIS A 199 -0.65 10.31 22.42
CA HIS A 199 0.46 9.46 22.82
C HIS A 199 1.73 9.98 22.18
N TYR A 200 2.80 10.08 22.97
CA TYR A 200 4.07 10.65 22.53
C TYR A 200 5.15 9.58 22.55
N ARG A 201 5.93 9.53 21.47
CA ARG A 201 7.00 8.53 21.35
C ARG A 201 7.94 8.59 22.53
N LYS A 202 8.36 9.80 22.92
CA LYS A 202 9.33 9.94 23.99
C LYS A 202 8.80 9.49 25.36
N ASP A 203 7.51 9.26 25.48
CA ASP A 203 6.92 8.89 26.77
C ASP A 203 6.92 7.38 27.02
N TYR A 204 7.55 6.58 26.15
CA TYR A 204 7.51 5.13 26.32
C TYR A 204 8.05 4.73 27.69
N LYS A 205 7.31 3.89 28.40
CA LYS A 205 7.79 3.28 29.65
C LYS A 205 7.22 1.88 29.79
N PRO A 206 8.01 0.91 30.22
CA PRO A 206 7.48 -0.45 30.40
C PRO A 206 6.37 -0.46 31.44
N SER A 207 5.45 -1.40 31.27
CA SER A 207 4.32 -1.58 32.17
C SER A 207 4.77 -2.02 33.56
N GLY A 208 4.00 -1.63 34.56
CA GLY A 208 4.18 -2.16 35.90
C GLY A 208 3.65 -3.54 36.10
N PHE A 209 3.16 -4.20 35.04
CA PHE A 209 2.57 -5.53 35.14
C PHE A 209 3.16 -6.42 34.05
N ILE A 210 2.97 -7.72 34.23
CA ILE A 210 3.36 -8.73 33.25
C ILE A 210 2.17 -9.63 33.04
N ILE A 211 1.89 -9.98 31.78
CA ILE A 211 0.91 -11.02 31.46
C ILE A 211 1.67 -12.19 30.89
N ASN A 212 1.69 -13.31 31.63
CA ASN A 212 2.48 -14.45 31.18
C ASN A 212 1.68 -15.44 30.35
N GLN A 213 0.40 -15.64 30.68
CA GLN A 213 -0.42 -16.65 30.03
C GLN A 213 -1.82 -16.12 29.81
N VAL A 214 -2.35 -16.37 28.61
CA VAL A 214 -3.74 -16.06 28.27
C VAL A 214 -4.45 -17.36 28.03
N THR A 215 -5.55 -17.61 28.75
CA THR A 215 -6.38 -18.79 28.50
C THR A 215 -7.79 -18.31 28.18
N LEU A 216 -8.23 -18.54 26.94
CA LEU A 216 -9.48 -18.01 26.42
C LEU A 216 -10.47 -19.13 26.13
N ASN A 217 -11.74 -18.85 26.39
CA ASN A 217 -12.85 -19.66 25.90
C ASN A 217 -13.78 -18.72 25.17
N ILE A 218 -13.89 -18.88 23.86
CA ILE A 218 -14.71 -18.02 23.00
C ILE A 218 -15.91 -18.84 22.53
N ASN A 219 -17.08 -18.55 23.09
CA ASN A 219 -18.29 -19.33 22.84
C ASN A 219 -19.24 -18.54 21.95
N ILE A 220 -19.30 -18.91 20.68
CA ILE A 220 -20.08 -18.18 19.68
C ILE A 220 -21.52 -18.68 19.74
N HIS A 221 -22.45 -17.77 19.97
CA HIS A 221 -23.87 -18.10 19.94
C HIS A 221 -24.59 -17.26 18.90
N ASP A 222 -25.88 -17.52 18.74
CA ASP A 222 -26.61 -16.94 17.62
C ASP A 222 -26.72 -15.43 17.74
N GLN A 223 -26.93 -14.91 18.95
CA GLN A 223 -27.15 -13.48 19.16
C GLN A 223 -26.03 -12.79 19.90
N GLU A 224 -25.02 -13.54 20.34
CA GLU A 224 -23.93 -12.96 21.13
C GLU A 224 -22.79 -13.96 21.18
N THR A 225 -21.63 -13.47 21.58
CA THR A 225 -20.46 -14.31 21.80
C THR A 225 -19.99 -14.04 23.23
N ILE A 226 -19.78 -15.11 23.98
CA ILE A 226 -19.32 -15.04 25.36
C ILE A 226 -17.83 -15.34 25.36
N VAL A 227 -17.05 -14.44 25.97
CA VAL A 227 -15.60 -14.59 26.05
C VAL A 227 -15.21 -14.67 27.51
N ARG A 228 -14.70 -15.83 27.91
CA ARG A 228 -14.09 -16.02 29.22
C ARG A 228 -12.58 -16.02 29.05
N SER A 229 -11.88 -15.32 29.93
CA SER A 229 -10.43 -15.21 29.83
C SER A 229 -9.82 -15.27 31.21
N VAL A 230 -8.77 -16.08 31.37
CA VAL A 230 -7.93 -16.04 32.56
C VAL A 230 -6.55 -15.54 32.15
N LEU A 231 -6.08 -14.49 32.81
CA LEU A 231 -4.76 -13.94 32.61
C LEU A 231 -3.89 -14.27 33.81
N ASP A 232 -2.84 -15.04 33.57
CA ASP A 232 -1.86 -15.30 34.61
C ASP A 232 -0.85 -14.17 34.56
N MET A 233 -0.81 -13.36 35.61
CA MET A 233 -0.10 -12.09 35.62
C MET A 233 0.91 -12.03 36.75
N ASP A 234 1.74 -11.00 36.68
CA ASP A 234 2.76 -10.78 37.68
C ASP A 234 3.00 -9.29 37.79
N ILE A 235 3.71 -8.92 38.85
CA ILE A 235 4.14 -7.55 39.09
C ILE A 235 5.54 -7.37 38.49
N SER A 236 5.70 -6.34 37.66
CA SER A 236 7.01 -6.12 37.03
C SER A 236 7.91 -5.30 37.94
N LYS A 237 9.20 -5.24 37.57
CA LYS A 237 10.16 -4.45 38.35
C LYS A 237 9.90 -2.95 38.25
N HIS A 238 9.09 -2.51 37.29
CA HIS A 238 8.72 -1.11 37.16
C HIS A 238 7.48 -0.75 37.94
N ASN A 239 6.86 -1.70 38.63
CA ASN A 239 5.63 -1.42 39.34
C ASN A 239 5.87 -0.47 40.51
N VAL A 240 4.94 0.46 40.73
CA VAL A 240 5.03 1.40 41.84
C VAL A 240 3.71 1.45 42.60
N GLY A 241 3.00 0.33 42.65
CA GLY A 241 1.75 0.26 43.37
C GLY A 241 0.57 0.94 42.72
N GLU A 242 0.62 1.12 41.40
CA GLU A 242 -0.46 1.76 40.68
C GLU A 242 -1.70 0.86 40.61
N ASP A 243 -2.84 1.49 40.25
CA ASP A 243 -4.02 0.73 39.87
C ASP A 243 -3.68 -0.21 38.72
N LEU A 244 -4.38 -1.35 38.66
CA LEU A 244 -4.30 -2.24 37.50
C LEU A 244 -5.36 -1.77 36.51
N VAL A 245 -4.92 -1.25 35.36
CA VAL A 245 -5.84 -0.69 34.37
C VAL A 245 -5.73 -1.52 33.10
N PHE A 246 -6.85 -2.13 32.71
CA PHE A 246 -6.95 -2.87 31.46
C PHE A 246 -7.64 -2.04 30.41
N ASP A 247 -7.22 -2.23 29.17
CA ASP A 247 -8.00 -1.77 28.03
C ASP A 247 -9.16 -2.73 27.83
N GLY A 248 -10.31 -2.16 27.49
CA GLY A 248 -11.49 -2.98 27.22
C GLY A 248 -12.58 -2.09 26.67
N VAL A 249 -12.91 -2.24 25.39
CA VAL A 249 -13.74 -1.27 24.68
C VAL A 249 -15.02 -1.96 24.25
N GLY A 250 -16.16 -1.45 24.74
CA GLY A 250 -17.43 -2.00 24.31
C GLY A 250 -17.77 -3.37 24.87
N LEU A 251 -17.17 -3.75 25.99
CA LEU A 251 -17.40 -5.07 26.57
C LEU A 251 -18.56 -4.99 27.56
N LYS A 252 -19.40 -6.01 27.57
CA LYS A 252 -20.46 -6.13 28.57
C LYS A 252 -19.96 -7.10 29.63
N ILE A 253 -19.77 -6.62 30.85
CA ILE A 253 -19.19 -7.46 31.89
C ILE A 253 -20.25 -8.38 32.50
N ASN A 254 -19.98 -9.68 32.50
CA ASN A 254 -20.73 -10.63 33.33
C ASN A 254 -20.09 -10.77 34.71
N GLU A 255 -18.78 -11.03 34.76
CA GLU A 255 -18.07 -10.94 36.03
C GLU A 255 -16.59 -10.74 35.78
N ILE A 256 -15.91 -10.23 36.80
CA ILE A 256 -14.45 -10.22 36.82
C ILE A 256 -14.00 -10.69 38.20
N SER A 257 -12.85 -11.36 38.23
CA SER A 257 -12.34 -11.95 39.45
C SER A 257 -10.82 -11.80 39.48
N ILE A 258 -10.26 -11.79 40.68
CA ILE A 258 -8.84 -11.92 40.91
C ILE A 258 -8.66 -13.13 41.82
N ASN A 259 -7.85 -14.09 41.39
CA ASN A 259 -7.61 -15.32 42.17
C ASN A 259 -8.91 -15.99 42.55
N ASN A 260 -9.88 -15.98 41.62
CA ASN A 260 -11.15 -16.67 41.74
C ASN A 260 -12.06 -16.04 42.80
N LYS A 261 -11.74 -14.83 43.24
CA LYS A 261 -12.63 -14.04 44.08
C LYS A 261 -13.32 -12.98 43.21
N LYS A 262 -14.63 -13.08 43.10
CA LYS A 262 -15.41 -12.14 42.31
C LYS A 262 -15.25 -10.72 42.84
N LEU A 263 -14.88 -9.79 41.97
CA LEU A 263 -14.77 -8.37 42.30
C LEU A 263 -16.11 -7.67 42.09
N VAL A 264 -16.31 -6.59 42.83
CA VAL A 264 -17.60 -5.90 42.90
C VAL A 264 -17.45 -4.50 42.32
N GLU A 265 -18.32 -4.15 41.37
CA GLU A 265 -18.25 -2.85 40.71
C GLU A 265 -18.39 -1.71 41.73
N GLY A 266 -17.67 -0.63 41.49
CA GLY A 266 -17.75 0.55 42.34
C GLY A 266 -16.80 0.58 43.53
N GLU A 267 -16.79 -0.48 44.32
CA GLU A 267 -15.90 -0.53 45.48
C GLU A 267 -14.49 -0.97 45.07
N GLU A 268 -14.38 -2.01 44.25
CA GLU A 268 -13.11 -2.60 43.88
C GLU A 268 -12.69 -2.33 42.44
N TYR A 269 -13.63 -2.01 41.55
CA TYR A 269 -13.27 -1.64 40.18
C TYR A 269 -14.31 -0.69 39.60
N THR A 270 -13.88 0.08 38.62
CA THR A 270 -14.76 0.85 37.75
C THR A 270 -14.50 0.46 36.30
N TYR A 271 -15.51 0.65 35.45
CA TYR A 271 -15.42 0.37 34.04
C TYR A 271 -16.22 1.43 33.30
N ASP A 272 -15.59 2.10 32.33
CA ASP A 272 -16.22 3.21 31.62
C ASP A 272 -16.37 2.95 30.13
N ASN A 273 -16.41 1.68 29.72
CA ASN A 273 -16.52 1.24 28.33
C ASN A 273 -15.23 1.44 27.54
N GLU A 274 -14.16 1.86 28.19
CA GLU A 274 -12.84 2.02 27.58
C GLU A 274 -11.72 1.44 28.44
N PHE A 275 -11.78 1.65 29.76
CA PHE A 275 -10.74 1.25 30.71
C PHE A 275 -11.39 0.56 31.90
N LEU A 276 -10.89 -0.62 32.24
CA LEU A 276 -11.23 -1.33 33.48
C LEU A 276 -10.16 -1.00 34.51
N THR A 277 -10.55 -0.35 35.61
CA THR A 277 -9.62 0.07 36.66
C THR A 277 -9.87 -0.75 37.91
N ILE A 278 -8.88 -1.54 38.31
CA ILE A 278 -8.95 -2.25 39.59
C ILE A 278 -8.08 -1.48 40.57
N PHE A 279 -8.68 -1.02 41.66
CA PHE A 279 -7.95 -0.14 42.58
C PHE A 279 -6.81 -0.91 43.24
N SER A 280 -5.68 -0.22 43.42
CA SER A 280 -4.44 -0.90 43.73
C SER A 280 -4.50 -1.68 45.04
N LYS A 281 -5.36 -1.27 45.98
CA LYS A 281 -5.44 -2.00 47.24
C LYS A 281 -5.97 -3.42 47.05
N PHE A 282 -6.61 -3.69 45.91
CA PHE A 282 -7.14 -5.02 45.61
C PHE A 282 -6.28 -5.78 44.61
N VAL A 283 -5.18 -5.19 44.15
CA VAL A 283 -4.26 -5.83 43.23
C VAL A 283 -3.21 -6.60 44.00
N PRO A 284 -3.02 -7.89 43.74
CA PRO A 284 -2.02 -8.65 44.49
C PRO A 284 -0.61 -8.14 44.26
N LYS A 285 0.28 -8.49 45.17
CA LYS A 285 1.66 -8.03 45.11
C LYS A 285 2.61 -9.09 44.57
N SER A 286 2.09 -10.25 44.18
CA SER A 286 2.88 -11.33 43.61
C SER A 286 2.07 -11.92 42.46
N LYS A 287 2.56 -13.02 41.89
CA LYS A 287 1.85 -13.70 40.81
C LYS A 287 0.38 -13.90 41.17
N PHE A 288 -0.51 -13.55 40.24
CA PHE A 288 -1.93 -13.68 40.49
C PHE A 288 -2.63 -13.97 39.18
N ALA A 289 -3.89 -14.41 39.29
CA ALA A 289 -4.74 -14.68 38.13
C ALA A 289 -5.87 -13.66 38.10
N PHE A 290 -6.07 -13.04 36.93
CA PHE A 290 -7.23 -12.18 36.69
C PHE A 290 -8.13 -12.91 35.70
N SER A 291 -9.42 -12.97 35.98
CA SER A 291 -10.34 -13.65 35.09
C SER A 291 -11.56 -12.78 34.86
N SER A 292 -12.19 -12.96 33.71
CA SER A 292 -13.35 -12.17 33.37
C SER A 292 -14.22 -12.95 32.40
N GLU A 293 -15.50 -12.60 32.38
CA GLU A 293 -16.43 -13.09 31.38
C GLU A 293 -17.16 -11.88 30.80
N VAL A 294 -17.08 -11.72 29.50
CA VAL A 294 -17.73 -10.57 28.85
C VAL A 294 -18.57 -11.07 27.69
N ILE A 295 -19.48 -10.22 27.24
CA ILE A 295 -20.32 -10.49 26.10
C ILE A 295 -20.01 -9.46 25.02
N ILE A 296 -19.82 -9.93 23.79
CA ILE A 296 -19.60 -9.08 22.63
C ILE A 296 -20.55 -9.56 21.53
N HIS A 297 -20.64 -8.80 20.45
CA HIS A 297 -21.69 -8.99 19.44
C HIS A 297 -21.13 -8.87 18.03
N PRO A 298 -20.45 -9.91 17.54
CA PRO A 298 -19.80 -9.78 16.22
C PRO A 298 -20.78 -9.54 15.07
N GLU A 299 -22.03 -9.99 15.16
CA GLU A 299 -22.96 -9.85 14.05
C GLU A 299 -23.19 -8.39 13.66
N THR A 300 -23.19 -7.49 14.64
CA THR A 300 -23.47 -6.08 14.37
C THR A 300 -22.21 -5.21 14.44
N ASN A 301 -21.04 -5.83 14.36
CA ASN A 301 -19.76 -5.14 14.43
C ASN A 301 -19.34 -4.75 13.01
N TYR A 302 -19.90 -3.64 12.53
CA TYR A 302 -19.67 -3.25 11.14
C TYR A 302 -18.39 -2.43 10.95
N ALA A 303 -17.67 -2.12 12.02
CA ALA A 303 -16.39 -1.43 11.93
C ALA A 303 -15.25 -2.40 11.61
N LEU A 304 -15.49 -3.70 11.71
CA LEU A 304 -14.57 -4.73 11.23
C LEU A 304 -13.26 -4.71 12.01
N THR A 305 -13.36 -4.37 13.30
CA THR A 305 -12.25 -4.41 14.23
C THR A 305 -12.69 -5.16 15.47
N GLY A 306 -11.78 -5.94 16.05
CA GLY A 306 -12.18 -6.84 17.12
C GLY A 306 -12.72 -8.11 16.50
N LEU A 307 -13.79 -8.67 17.05
CA LEU A 307 -14.40 -9.90 16.56
C LEU A 307 -15.66 -9.53 15.78
N TYR A 308 -15.76 -9.97 14.53
CA TYR A 308 -16.88 -9.55 13.70
C TYR A 308 -17.30 -10.67 12.77
N LYS A 309 -18.43 -10.43 12.10
CA LYS A 309 -19.02 -11.43 11.20
C LYS A 309 -18.97 -10.87 9.78
N SER A 310 -18.20 -11.53 8.90
CA SER A 310 -18.19 -11.18 7.47
C SER A 310 -19.00 -12.23 6.73
N LYS A 311 -20.17 -11.83 6.24
CA LYS A 311 -21.13 -12.76 5.66
CA LYS A 311 -21.12 -12.77 5.65
C LYS A 311 -21.38 -13.87 6.68
N ASN A 312 -20.99 -15.11 6.41
CA ASN A 312 -21.23 -16.18 7.37
C ASN A 312 -19.96 -16.64 8.10
N ILE A 313 -18.90 -15.84 8.07
CA ILE A 313 -17.63 -16.21 8.70
C ILE A 313 -17.42 -15.30 9.91
N ILE A 314 -17.16 -15.89 11.08
CA ILE A 314 -16.71 -15.12 12.24
C ILE A 314 -15.19 -14.96 12.13
N VAL A 315 -14.71 -13.75 12.32
CA VAL A 315 -13.31 -13.46 12.02
C VAL A 315 -12.89 -12.28 12.87
N SER A 316 -11.62 -12.27 13.28
CA SER A 316 -11.10 -11.20 14.10
C SER A 316 -10.14 -10.31 13.31
N GLN A 317 -9.99 -9.08 13.78
CA GLN A 317 -8.92 -8.19 13.32
C GLN A 317 -8.46 -7.39 14.53
N CYS A 318 -7.25 -7.71 15.02
CA CYS A 318 -6.78 -7.13 16.27
C CYS A 318 -5.72 -6.05 16.14
N GLU A 319 -4.95 -6.02 15.04
CA GLU A 319 -4.04 -4.88 14.88
C GLU A 319 -4.85 -3.61 14.60
N ALA A 320 -4.46 -2.48 15.20
CA ALA A 320 -3.41 -2.37 16.23
C ALA A 320 -3.92 -2.65 17.65
N THR A 321 -5.04 -2.00 17.99
CA THR A 321 -5.60 -2.07 19.34
C THR A 321 -7.03 -2.59 19.31
N GLY A 322 -7.26 -3.67 18.55
CA GLY A 322 -8.56 -4.30 18.48
C GLY A 322 -8.75 -5.47 19.45
N PHE A 323 -7.67 -6.02 20.04
CA PHE A 323 -7.87 -7.14 20.99
C PHE A 323 -8.69 -6.69 22.20
N ARG A 324 -8.56 -5.43 22.61
CA ARG A 324 -9.34 -4.89 23.71
C ARG A 324 -10.84 -4.83 23.40
N ARG A 325 -11.24 -5.05 22.15
CA ARG A 325 -12.65 -5.17 21.80
C ARG A 325 -13.15 -6.59 21.93
N ILE A 326 -12.26 -7.52 22.28
CA ILE A 326 -12.64 -8.91 22.49
C ILE A 326 -12.64 -9.27 23.97
N THR A 327 -11.62 -8.82 24.69
CA THR A 327 -11.55 -9.06 26.13
C THR A 327 -10.59 -8.06 26.73
N PHE A 328 -10.56 -8.02 28.05
CA PHE A 328 -9.67 -7.11 28.77
C PHE A 328 -8.21 -7.47 28.57
N PHE A 329 -7.38 -6.46 28.37
CA PHE A 329 -5.95 -6.71 28.18
C PHE A 329 -5.20 -5.41 28.39
N ILE A 330 -3.90 -5.52 28.63
CA ILE A 330 -2.99 -4.39 28.53
C ILE A 330 -2.53 -4.39 27.08
N ASP A 331 -3.29 -3.70 26.23
CA ASP A 331 -3.30 -3.89 24.78
C ASP A 331 -2.22 -3.02 24.14
N ARG A 332 -1.00 -3.54 24.17
CA ARG A 332 0.20 -2.90 23.64
C ARG A 332 1.20 -3.99 23.33
N PRO A 333 2.01 -3.84 22.28
CA PRO A 333 2.73 -5.00 21.75
C PRO A 333 3.92 -5.46 22.58
N ASP A 334 4.36 -4.69 23.59
CA ASP A 334 5.41 -5.20 24.45
C ASP A 334 4.89 -6.12 25.55
N MET A 335 3.57 -6.38 25.61
CA MET A 335 3.01 -7.27 26.61
C MET A 335 2.88 -8.67 25.97
N MET A 336 3.98 -9.39 25.98
CA MET A 336 4.09 -10.68 25.30
C MET A 336 3.65 -11.81 26.21
N ALA A 337 2.88 -12.76 25.65
CA ALA A 337 2.27 -13.80 26.48
C ALA A 337 2.08 -15.08 25.69
N LYS A 338 1.87 -16.18 26.41
CA LYS A 338 1.45 -17.44 25.80
CA LYS A 338 1.46 -17.44 25.82
C LYS A 338 -0.07 -17.50 25.73
N TYR A 339 -0.58 -18.19 24.71
CA TYR A 339 -2.01 -18.23 24.44
C TYR A 339 -2.52 -19.66 24.32
N ASP A 340 -3.58 -19.96 25.08
CA ASP A 340 -4.29 -21.23 25.07
C ASP A 340 -5.75 -20.89 24.79
N VAL A 341 -6.26 -21.22 23.61
CA VAL A 341 -7.52 -20.67 23.12
C VAL A 341 -8.46 -21.81 22.76
N THR A 342 -9.65 -21.83 23.37
CA THR A 342 -10.72 -22.72 22.98
C THR A 342 -11.85 -21.92 22.34
N VAL A 343 -12.35 -22.41 21.21
CA VAL A 343 -13.48 -21.79 20.53
C VAL A 343 -14.58 -22.82 20.43
N THR A 344 -15.81 -22.42 20.73
CA THR A 344 -16.98 -23.28 20.53
C THR A 344 -18.04 -22.58 19.70
N ALA A 345 -18.83 -23.38 18.98
CA ALA A 345 -19.81 -22.82 18.03
C ALA A 345 -20.76 -23.94 17.60
N ASP A 346 -21.86 -23.51 16.97
CA ASP A 346 -22.74 -24.44 16.28
C ASP A 346 -21.98 -25.17 15.18
N LYS A 347 -22.06 -26.50 15.17
CA LYS A 347 -21.20 -27.25 14.28
C LYS A 347 -21.67 -27.16 12.84
N GLU A 348 -22.98 -27.14 12.62
CA GLU A 348 -23.49 -27.05 11.25
C GLU A 348 -23.12 -25.71 10.61
N LYS A 349 -23.22 -24.61 11.37
CA LYS A 349 -22.91 -23.29 10.81
C LYS A 349 -21.41 -23.01 10.78
N TYR A 350 -20.65 -23.54 11.74
CA TYR A 350 -19.24 -23.22 11.90
C TYR A 350 -18.40 -24.48 12.07
N PRO A 351 -18.34 -25.35 11.05
CA PRO A 351 -17.58 -26.60 11.18
C PRO A 351 -16.07 -26.41 11.22
N VAL A 352 -15.53 -25.32 10.66
CA VAL A 352 -14.10 -25.06 10.65
C VAL A 352 -13.81 -23.99 11.69
N LEU A 353 -12.96 -24.36 12.65
CA LEU A 353 -12.56 -23.50 13.76
C LEU A 353 -11.04 -23.35 13.70
N LEU A 354 -10.55 -22.11 13.76
CA LEU A 354 -9.11 -21.86 13.65
C LEU A 354 -8.67 -20.82 14.66
N SER A 355 -7.47 -20.99 15.21
CA SER A 355 -6.79 -19.94 15.97
C SER A 355 -5.28 -20.15 15.80
N ASN A 356 -4.48 -19.39 16.54
CA ASN A 356 -3.04 -19.53 16.45
C ASN A 356 -2.58 -20.80 17.14
N GLY A 357 -1.46 -21.35 16.66
CA GLY A 357 -0.80 -22.44 17.35
C GLY A 357 -1.29 -23.81 16.89
N ASP A 358 -1.04 -24.82 17.71
CA ASP A 358 -1.39 -26.18 17.35
C ASP A 358 -2.79 -26.51 17.83
N LYS A 359 -3.57 -27.17 16.97
CA LYS A 359 -4.87 -27.68 17.39
C LYS A 359 -4.60 -28.93 18.22
N VAL A 360 -4.94 -28.87 19.50
CA VAL A 360 -4.59 -29.95 20.43
C VAL A 360 -5.78 -30.70 20.95
N ASN A 361 -7.00 -30.25 20.64
CA ASN A 361 -8.18 -31.03 20.97
C ASN A 361 -9.36 -30.56 20.14
N GLU A 362 -10.22 -31.51 19.80
CA GLU A 362 -11.49 -31.27 19.13
C GLU A 362 -12.54 -32.08 19.87
N PHE A 363 -13.71 -31.49 20.11
CA PHE A 363 -14.68 -32.20 20.91
C PHE A 363 -16.09 -31.79 20.55
N GLU A 364 -17.03 -32.70 20.79
CA GLU A 364 -18.45 -32.46 20.61
C GLU A 364 -19.04 -31.87 21.89
N ILE A 365 -20.12 -31.12 21.71
CA ILE A 365 -20.81 -30.44 22.81
C ILE A 365 -22.30 -30.69 22.65
N PRO A 366 -23.06 -30.92 23.72
CA PRO A 366 -24.51 -31.14 23.57
C PRO A 366 -25.19 -29.93 22.92
N GLY A 367 -26.28 -30.22 22.21
CA GLY A 367 -27.00 -29.17 21.52
C GLY A 367 -26.48 -28.83 20.14
N GLY A 368 -25.74 -29.74 19.51
CA GLY A 368 -25.29 -29.50 18.15
C GLY A 368 -24.07 -28.62 18.04
N ARG A 369 -23.35 -28.39 19.14
CA ARG A 369 -22.16 -27.55 19.16
C ARG A 369 -20.90 -28.41 19.11
N HIS A 370 -19.76 -27.74 18.94
CA HIS A 370 -18.48 -28.41 19.02
C HIS A 370 -17.41 -27.39 19.37
N GLY A 371 -16.23 -27.89 19.74
CA GLY A 371 -15.16 -27.02 20.17
C GLY A 371 -13.82 -27.50 19.64
N ALA A 372 -12.86 -26.58 19.67
CA ALA A 372 -11.48 -26.86 19.31
C ALA A 372 -10.57 -26.04 20.21
N ARG A 373 -9.51 -26.67 20.71
CA ARG A 373 -8.54 -26.03 21.58
C ARG A 373 -7.24 -25.86 20.83
N PHE A 374 -6.68 -24.65 20.87
CA PHE A 374 -5.44 -24.30 20.19
C PHE A 374 -4.46 -23.80 21.24
N ASN A 375 -3.27 -24.42 21.31
CA ASN A 375 -2.24 -23.94 22.22
C ASN A 375 -1.07 -23.39 21.42
N ASP A 376 -0.65 -22.16 21.74
CA ASP A 376 0.40 -21.44 21.03
C ASP A 376 1.48 -21.05 22.04
N PRO A 377 2.46 -21.92 22.31
CA PRO A 377 3.42 -21.64 23.38
C PRO A 377 4.35 -20.46 23.11
N PRO A 378 4.80 -20.19 21.87
CA PRO A 378 5.71 -19.04 21.70
C PRO A 378 5.04 -17.75 22.15
N LEU A 379 5.82 -16.88 22.79
CA LEU A 379 5.28 -15.59 23.22
C LEU A 379 4.87 -14.77 22.00
N LYS A 380 3.76 -14.04 22.12
CA LYS A 380 3.39 -13.12 21.05
C LYS A 380 2.66 -11.93 21.64
N PRO A 381 2.65 -10.80 20.94
CA PRO A 381 1.77 -9.69 21.32
C PRO A 381 0.33 -9.98 20.89
N CYS A 382 -0.58 -9.32 21.59
CA CYS A 382 -1.99 -9.63 21.38
C CYS A 382 -2.51 -9.17 20.02
N TYR A 383 -1.83 -8.22 19.34
CA TYR A 383 -2.35 -7.86 18.02
C TYR A 383 -2.20 -8.99 17.01
N LEU A 384 -1.43 -10.02 17.30
CA LEU A 384 -1.28 -11.18 16.42
C LEU A 384 -2.20 -12.34 16.76
N PHE A 385 -3.00 -12.21 17.80
CA PHE A 385 -4.05 -13.19 18.04
C PHE A 385 -5.08 -13.16 16.91
N ALA A 386 -5.63 -14.32 16.57
CA ALA A 386 -6.73 -14.37 15.63
C ALA A 386 -7.57 -15.60 15.87
N VAL A 387 -8.83 -15.50 15.48
CA VAL A 387 -9.75 -16.64 15.49
C VAL A 387 -10.63 -16.55 14.25
N VAL A 388 -10.93 -17.72 13.68
CA VAL A 388 -11.84 -17.82 12.54
C VAL A 388 -12.79 -18.98 12.77
N ALA A 389 -14.07 -18.77 12.46
CA ALA A 389 -15.07 -19.84 12.50
C ALA A 389 -15.96 -19.72 11.27
N GLY A 390 -16.14 -20.81 10.54
CA GLY A 390 -17.04 -20.75 9.41
C GLY A 390 -17.13 -22.08 8.69
N ASP A 391 -17.98 -22.08 7.66
CA ASP A 391 -18.13 -23.24 6.79
C ASP A 391 -17.15 -23.09 5.62
N LEU A 392 -15.87 -23.21 5.96
CA LEU A 392 -14.81 -22.90 5.02
C LEU A 392 -14.42 -24.14 4.23
N LYS A 393 -14.13 -23.94 2.94
CA LYS A 393 -13.53 -24.97 2.12
C LYS A 393 -12.07 -24.60 1.84
N HIS A 394 -11.28 -25.56 1.38
CA HIS A 394 -9.86 -25.30 1.31
C HIS A 394 -9.17 -26.05 0.18
N LEU A 395 -7.98 -25.55 -0.15
CA LEU A 395 -6.93 -26.28 -0.87
C LEU A 395 -5.74 -26.39 0.05
N SER A 396 -4.97 -27.47 -0.06
CA SER A 396 -3.79 -27.62 0.78
C SER A 396 -2.64 -28.22 0.00
N ALA A 397 -1.44 -28.05 0.58
CA ALA A 397 -0.24 -28.71 0.08
C ALA A 397 0.73 -28.88 1.25
N THR A 398 1.80 -29.63 1.01
CA THR A 398 2.87 -29.76 1.99
C THR A 398 4.14 -29.17 1.42
N TYR A 399 4.76 -28.26 2.18
CA TYR A 399 6.03 -27.65 1.83
C TYR A 399 7.11 -28.24 2.73
N ILE A 400 8.25 -28.58 2.14
CA ILE A 400 9.39 -29.10 2.90
C ILE A 400 10.46 -28.01 2.92
N THR A 401 10.85 -27.60 4.13
CA THR A 401 11.80 -26.49 4.24
C THR A 401 13.19 -26.90 3.71
N LYS A 402 13.98 -25.87 3.36
CA LYS A 402 15.21 -26.06 2.59
C LYS A 402 16.31 -26.71 3.42
N TYR A 403 16.46 -26.33 4.68
CA TYR A 403 17.59 -26.76 5.50
C TYR A 403 17.21 -27.76 6.58
N THR A 404 16.21 -27.45 7.40
CA THR A 404 15.78 -28.39 8.42
C THR A 404 14.92 -29.51 7.87
N LYS A 405 14.46 -29.41 6.62
CA LYS A 405 13.65 -30.43 5.97
C LYS A 405 12.38 -30.73 6.76
N LYS A 406 11.81 -29.68 7.36
CA LYS A 406 10.55 -29.78 8.10
C LYS A 406 9.37 -29.74 7.14
N LYS A 407 8.39 -30.60 7.38
CA LYS A 407 7.15 -30.55 6.60
C LYS A 407 6.22 -29.49 7.17
N VAL A 408 5.76 -28.58 6.31
CA VAL A 408 4.81 -27.55 6.70
C VAL A 408 3.51 -27.77 5.95
N GLU A 409 2.40 -27.86 6.68
CA GLU A 409 1.09 -27.94 6.03
C GLU A 409 0.62 -26.55 5.66
N LEU A 410 0.29 -26.34 4.39
CA LEU A 410 -0.24 -25.08 3.90
C LEU A 410 -1.72 -25.26 3.58
N TYR A 411 -2.57 -24.37 4.10
CA TYR A 411 -4.00 -24.43 3.89
C TYR A 411 -4.47 -23.05 3.44
N VAL A 412 -5.26 -22.99 2.37
CA VAL A 412 -5.89 -21.76 1.92
C VAL A 412 -7.40 -21.97 1.92
N PHE A 413 -8.14 -21.04 2.54
CA PHE A 413 -9.56 -21.22 2.85
C PHE A 413 -10.39 -20.11 2.24
N SER A 414 -11.60 -20.45 1.81
CA SER A 414 -12.60 -19.47 1.41
C SER A 414 -13.99 -20.06 1.65
N GLU A 415 -15.02 -19.23 1.46
CA GLU A 415 -16.37 -19.79 1.41
C GLU A 415 -16.47 -20.75 0.22
N GLU A 416 -17.43 -21.68 0.33
CA GLU A 416 -17.56 -22.76 -0.65
C GLU A 416 -17.73 -22.23 -2.07
N LYS A 417 -18.47 -21.13 -2.24
CA LYS A 417 -18.75 -20.60 -3.58
CA LYS A 417 -18.75 -20.62 -3.59
C LYS A 417 -17.47 -20.30 -4.36
N TYR A 418 -16.39 -19.90 -3.67
CA TYR A 418 -15.22 -19.40 -4.36
C TYR A 418 -13.97 -20.27 -4.16
N VAL A 419 -14.16 -21.53 -3.76
CA VAL A 419 -13.00 -22.39 -3.51
C VAL A 419 -12.16 -22.58 -4.78
N SER A 420 -12.78 -22.53 -5.96
CA SER A 420 -12.07 -22.62 -7.24
C SER A 420 -11.19 -21.42 -7.54
N LYS A 421 -11.11 -20.44 -6.66
CA LYS A 421 -10.26 -19.27 -6.87
C LYS A 421 -9.03 -19.26 -5.95
N LEU A 422 -8.71 -20.39 -5.33
CA LEU A 422 -7.68 -20.42 -4.30
C LEU A 422 -6.31 -20.86 -4.82
N GLN A 423 -6.22 -21.36 -6.04
CA GLN A 423 -4.98 -22.04 -6.42
C GLN A 423 -3.81 -21.09 -6.55
N TRP A 424 -4.02 -19.90 -7.16
CA TRP A 424 -2.89 -19.00 -7.33
C TRP A 424 -2.30 -18.59 -5.98
N ALA A 425 -3.16 -18.33 -4.98
CA ALA A 425 -2.68 -17.93 -3.67
C ALA A 425 -1.80 -19.00 -3.07
N LEU A 426 -2.19 -20.28 -3.23
CA LEU A 426 -1.36 -21.37 -2.73
C LEU A 426 -0.01 -21.39 -3.41
N GLU A 427 0.01 -21.17 -4.73
CA GLU A 427 1.28 -21.10 -5.46
C GLU A 427 2.13 -19.94 -4.97
N CYS A 428 1.49 -18.79 -4.73
CA CYS A 428 2.21 -17.62 -4.25
C CYS A 428 2.81 -17.87 -2.87
N LEU A 429 2.09 -18.61 -2.01
CA LEU A 429 2.63 -18.92 -0.69
C LEU A 429 3.88 -19.77 -0.80
N LYS A 430 3.85 -20.79 -1.66
CA LYS A 430 5.04 -21.60 -1.85
C LYS A 430 6.20 -20.76 -2.37
N LYS A 431 5.93 -19.88 -3.33
CA LYS A 431 6.97 -19.00 -3.85
C LYS A 431 7.55 -18.11 -2.75
N SER A 432 6.68 -17.59 -1.87
CA SER A 432 7.16 -16.71 -0.80
C SER A 432 8.06 -17.46 0.16
N MET A 433 7.70 -18.70 0.47
CA MET A 433 8.49 -19.46 1.42
C MET A 433 9.88 -19.72 0.82
N ALA A 434 9.91 -20.03 -0.47
CA ALA A 434 11.18 -20.33 -1.12
C ALA A 434 12.05 -19.09 -1.25
N PHE A 435 11.44 -17.93 -1.50
CA PHE A 435 12.23 -16.71 -1.59
C PHE A 435 12.87 -16.35 -0.25
N ASP A 436 12.14 -16.44 0.85
CA ASP A 436 12.77 -16.13 2.13
C ASP A 436 13.89 -17.12 2.42
N GLU A 437 13.73 -18.37 1.99
CA GLU A 437 14.81 -19.35 2.15
C GLU A 437 16.01 -18.98 1.28
N ASP A 438 15.76 -18.65 0.01
CA ASP A 438 16.83 -18.48 -0.96
C ASP A 438 17.57 -17.16 -0.78
N TYR A 439 16.85 -16.07 -0.55
CA TYR A 439 17.52 -14.78 -0.43
C TYR A 439 18.04 -14.54 0.99
N PHE A 440 17.22 -14.82 2.00
CA PHE A 440 17.57 -14.49 3.37
C PHE A 440 17.97 -15.68 4.22
N GLY A 441 17.83 -16.90 3.72
CA GLY A 441 18.19 -18.05 4.53
C GLY A 441 17.21 -18.36 5.65
N LEU A 442 15.97 -17.91 5.52
CA LEU A 442 14.99 -17.98 6.60
C LEU A 442 13.93 -19.01 6.28
N GLU A 443 13.64 -19.89 7.24
CA GLU A 443 12.65 -20.95 7.11
C GLU A 443 11.48 -20.77 8.06
N TYR A 444 10.32 -21.27 7.65
CA TYR A 444 9.16 -21.27 8.52
C TYR A 444 9.35 -22.24 9.69
N ASP A 445 8.91 -21.82 10.87
CA ASP A 445 9.21 -22.50 12.12
C ASP A 445 8.05 -23.33 12.65
N LEU A 446 6.86 -23.22 12.06
CA LEU A 446 5.67 -23.85 12.60
C LEU A 446 5.21 -25.00 11.71
N SER A 447 4.34 -25.86 12.27
CA SER A 447 3.88 -27.03 11.54
CA SER A 447 3.90 -27.03 11.53
C SER A 447 2.84 -26.70 10.47
N ARG A 448 2.17 -25.55 10.58
CA ARG A 448 1.04 -25.27 9.70
C ARG A 448 0.92 -23.77 9.49
N LEU A 449 0.50 -23.37 8.28
CA LEU A 449 0.19 -21.98 7.97
C LEU A 449 -1.15 -21.94 7.24
N ASN A 450 -2.10 -21.18 7.79
CA ASN A 450 -3.44 -21.00 7.24
C ASN A 450 -3.58 -19.61 6.65
N LEU A 451 -4.16 -19.53 5.44
CA LEU A 451 -4.58 -18.27 4.81
C LEU A 451 -6.10 -18.33 4.64
N VAL A 452 -6.81 -17.29 5.04
CA VAL A 452 -8.27 -17.28 5.00
C VAL A 452 -8.74 -16.01 4.31
N ALA A 453 -9.64 -16.15 3.33
CA ALA A 453 -10.28 -15.02 2.65
C ALA A 453 -11.63 -14.72 3.30
N VAL A 454 -11.86 -13.44 3.59
CA VAL A 454 -13.18 -12.95 4.00
C VAL A 454 -13.59 -11.78 3.11
N SER A 455 -14.91 -11.57 3.01
CA SER A 455 -15.44 -10.58 2.08
C SER A 455 -15.38 -9.16 2.61
N ASP A 456 -15.39 -8.98 3.93
CA ASP A 456 -15.46 -7.67 4.58
C ASP A 456 -14.15 -7.45 5.34
N PHE A 457 -13.31 -6.53 4.87
CA PHE A 457 -12.00 -6.34 5.46
C PHE A 457 -11.57 -4.90 5.23
N ASN A 458 -10.99 -4.28 6.25
CA ASN A 458 -10.69 -2.84 6.13
C ASN A 458 -9.52 -2.57 5.21
N VAL A 459 -8.60 -3.53 5.06
CA VAL A 459 -7.38 -3.30 4.29
C VAL A 459 -7.14 -4.52 3.39
N GLY A 460 -5.88 -4.81 3.08
CA GLY A 460 -5.54 -5.93 2.21
C GLY A 460 -5.44 -7.28 2.92
N ALA A 461 -4.63 -7.37 3.97
CA ALA A 461 -4.51 -8.61 4.73
C ALA A 461 -3.75 -8.34 6.03
N MET A 462 -3.72 -9.39 6.89
CA MET A 462 -3.22 -9.29 8.24
C MET A 462 -2.38 -10.53 8.59
N GLU A 463 -1.23 -10.32 9.23
CA GLU A 463 -0.24 -11.39 9.42
C GLU A 463 -0.39 -12.16 10.72
N ASN A 464 -1.61 -12.40 11.20
CA ASN A 464 -1.75 -13.15 12.45
C ASN A 464 -0.99 -14.46 12.37
N LYS A 465 -0.27 -14.78 13.44
CA LYS A 465 0.69 -15.90 13.43
C LYS A 465 0.02 -17.21 13.05
N GLY A 466 0.45 -17.80 11.93
CA GLY A 466 -0.07 -19.06 11.46
C GLY A 466 -1.47 -19.02 10.89
N LEU A 467 -2.10 -17.84 10.88
CA LEU A 467 -3.50 -17.66 10.52
C LEU A 467 -3.61 -16.28 9.88
N ASN A 468 -3.07 -16.17 8.68
CA ASN A 468 -3.13 -14.91 7.93
C ASN A 468 -4.53 -14.74 7.33
N ILE A 469 -5.11 -13.56 7.52
CA ILE A 469 -6.49 -13.29 7.11
C ILE A 469 -6.46 -12.19 6.06
N PHE A 470 -7.21 -12.39 4.96
CA PHE A 470 -7.10 -11.60 3.74
C PHE A 470 -8.45 -11.05 3.33
N ASN A 471 -8.45 -9.78 2.92
CA ASN A 471 -9.49 -9.32 2.03
C ASN A 471 -9.57 -10.29 0.86
N ALA A 472 -10.76 -10.82 0.58
CA ALA A 472 -10.93 -11.71 -0.57
C ALA A 472 -10.29 -11.14 -1.82
N ASN A 473 -10.30 -9.81 -2.00
CA ASN A 473 -9.75 -9.31 -3.26
C ASN A 473 -8.24 -9.41 -3.33
N SER A 474 -7.59 -9.81 -2.24
CA SER A 474 -6.14 -9.96 -2.21
C SER A 474 -5.72 -11.42 -1.99
N LEU A 475 -6.66 -12.36 -2.13
CA LEU A 475 -6.33 -13.79 -2.06
C LEU A 475 -6.95 -14.60 -3.19
N LEU A 476 -8.12 -14.20 -3.70
CA LEU A 476 -8.91 -15.03 -4.62
C LEU A 476 -8.82 -14.51 -6.04
N ALA A 477 -8.56 -15.41 -6.99
CA ALA A 477 -8.60 -15.05 -8.40
C ALA A 477 -8.89 -16.30 -9.24
N SER A 478 -9.47 -16.08 -10.42
CA SER A 478 -9.45 -17.07 -11.48
C SER A 478 -9.39 -16.33 -12.81
N LYS A 479 -8.90 -17.02 -13.84
CA LYS A 479 -8.70 -16.30 -15.09
C LYS A 479 -10.00 -15.86 -15.72
N LYS A 480 -11.12 -16.55 -15.44
CA LYS A 480 -12.40 -16.15 -16.01
C LYS A 480 -13.03 -15.00 -15.24
N ASN A 481 -12.72 -14.88 -13.95
CA ASN A 481 -13.46 -13.98 -13.07
C ASN A 481 -12.60 -12.89 -12.44
N SER A 482 -11.36 -12.68 -12.90
CA SER A 482 -10.49 -11.67 -12.31
C SER A 482 -9.75 -10.91 -13.40
N ILE A 483 -9.50 -9.63 -13.16
CA ILE A 483 -8.62 -8.89 -14.05
C ILE A 483 -7.16 -9.21 -13.72
N ASP A 484 -6.28 -8.93 -14.70
CA ASP A 484 -4.86 -9.26 -14.58
C ASP A 484 -4.24 -8.70 -13.31
N PHE A 485 -4.63 -7.48 -12.91
CA PHE A 485 -4.06 -6.86 -11.71
C PHE A 485 -4.17 -7.75 -10.47
N SER A 486 -5.24 -8.56 -10.37
CA SER A 486 -5.39 -9.45 -9.22
C SER A 486 -4.18 -10.34 -9.00
N TYR A 487 -3.55 -10.78 -10.08
CA TYR A 487 -2.48 -11.77 -9.94
C TYR A 487 -1.25 -11.15 -9.26
N ALA A 488 -0.85 -9.94 -9.65
CA ALA A 488 0.25 -9.32 -8.93
C ALA A 488 -0.17 -8.93 -7.51
N ARG A 489 -1.43 -8.55 -7.32
CA ARG A 489 -1.90 -8.16 -5.99
CA ARG A 489 -1.88 -8.15 -5.99
C ARG A 489 -1.81 -9.34 -5.02
N ILE A 490 -2.31 -10.50 -5.45
CA ILE A 490 -2.27 -11.67 -4.58
C ILE A 490 -0.82 -12.07 -4.31
N LEU A 491 0.03 -12.02 -5.33
CA LEU A 491 1.43 -12.40 -5.13
C LEU A 491 2.05 -11.50 -4.07
N THR A 492 1.85 -10.19 -4.19
CA THR A 492 2.51 -9.29 -3.26
C THR A 492 1.91 -9.34 -1.87
N VAL A 493 0.59 -9.55 -1.76
CA VAL A 493 -0.01 -9.52 -0.42
C VAL A 493 0.25 -10.83 0.32
N VAL A 494 0.14 -11.97 -0.38
CA VAL A 494 0.54 -13.24 0.25
C VAL A 494 1.99 -13.18 0.68
N GLY A 495 2.86 -12.70 -0.21
CA GLY A 495 4.28 -12.57 0.14
C GLY A 495 4.48 -11.67 1.34
N HIS A 496 3.86 -10.49 1.31
CA HIS A 496 3.97 -9.55 2.40
C HIS A 496 3.58 -10.17 3.74
N GLU A 497 2.42 -10.83 3.81
CA GLU A 497 2.03 -11.44 5.08
C GLU A 497 2.99 -12.57 5.47
N TYR A 498 3.51 -13.32 4.49
CA TYR A 498 4.46 -14.37 4.85
C TYR A 498 5.76 -13.76 5.40
N PHE A 499 6.26 -12.70 4.78
CA PHE A 499 7.53 -12.14 5.24
C PHE A 499 7.41 -11.54 6.63
N HIS A 500 6.19 -11.17 7.05
CA HIS A 500 6.03 -10.70 8.43
C HIS A 500 6.36 -11.78 9.46
N GLN A 501 6.33 -13.07 9.09
CA GLN A 501 6.60 -14.06 10.12
C GLN A 501 7.95 -13.82 10.79
N TYR A 502 8.94 -13.35 10.04
CA TYR A 502 10.16 -12.85 10.66
C TYR A 502 10.07 -11.36 10.99
N THR A 503 9.75 -10.50 10.02
CA THR A 503 9.84 -9.06 10.27
C THR A 503 8.47 -8.55 10.73
N GLY A 504 8.18 -8.77 12.01
CA GLY A 504 6.94 -8.37 12.62
C GLY A 504 6.47 -9.37 13.68
N ASN A 505 6.58 -10.65 13.35
CA ASN A 505 6.05 -11.68 14.26
C ASN A 505 7.14 -12.21 15.17
N ARG A 506 8.18 -12.84 14.60
CA ARG A 506 9.29 -13.34 15.43
C ARG A 506 10.10 -12.21 16.02
N VAL A 507 10.39 -11.18 15.23
CA VAL A 507 10.90 -9.91 15.75
C VAL A 507 9.72 -8.93 15.69
N THR A 508 9.25 -8.49 16.85
CA THR A 508 8.05 -7.66 16.87
C THR A 508 8.41 -6.26 17.36
N LEU A 509 7.40 -5.48 17.71
CA LEU A 509 7.55 -4.05 17.99
C LEU A 509 7.50 -3.78 19.48
N ARG A 510 8.43 -2.93 19.95
CA ARG A 510 8.35 -2.44 21.32
C ARG A 510 7.12 -1.60 21.56
N ASP A 511 6.69 -0.82 20.57
CA ASP A 511 5.58 0.11 20.72
C ASP A 511 5.17 0.50 19.30
N TRP A 512 4.00 1.16 19.19
CA TRP A 512 3.46 1.41 17.85
C TRP A 512 4.22 2.48 17.09
N PHE A 513 5.04 3.30 17.75
CA PHE A 513 5.83 4.26 16.97
C PHE A 513 6.86 3.56 16.11
N GLN A 514 7.17 2.30 16.40
CA GLN A 514 8.10 1.52 15.58
C GLN A 514 7.42 0.84 14.40
N LEU A 515 6.19 1.25 14.04
CA LEU A 515 5.44 0.53 13.01
C LEU A 515 6.24 0.31 11.74
N THR A 516 6.96 1.34 11.27
CA THR A 516 7.70 1.20 10.02
C THR A 516 8.80 0.13 10.10
N LEU A 517 9.26 -0.20 11.32
CA LEU A 517 10.25 -1.26 11.48
C LEU A 517 9.73 -2.58 10.94
N LYS A 518 8.44 -2.89 11.15
CA LYS A 518 7.88 -4.07 10.51
C LYS A 518 7.20 -3.77 9.17
N GLU A 519 6.59 -2.60 8.96
CA GLU A 519 5.84 -2.39 7.71
C GLU A 519 6.77 -1.93 6.59
N GLY A 520 7.60 -0.92 6.84
CA GLY A 520 8.58 -0.55 5.83
C GLY A 520 9.49 -1.70 5.44
N LEU A 521 9.96 -2.46 6.43
CA LEU A 521 10.88 -3.55 6.12
C LEU A 521 10.16 -4.69 5.39
N THR A 522 8.90 -4.96 5.75
CA THR A 522 8.19 -6.04 5.08
C THR A 522 7.79 -5.64 3.68
N VAL A 523 7.39 -4.37 3.45
CA VAL A 523 7.17 -3.91 2.08
C VAL A 523 8.45 -4.03 1.24
N HIS A 524 9.61 -3.69 1.82
CA HIS A 524 10.87 -3.85 1.09
C HIS A 524 11.12 -5.32 0.73
N ARG A 525 10.89 -6.22 1.69
CA ARG A 525 11.04 -7.65 1.40
C ARG A 525 10.03 -8.09 0.34
N GLU A 526 8.78 -7.61 0.45
CA GLU A 526 7.75 -7.88 -0.55
C GLU A 526 8.17 -7.38 -1.93
N ASN A 527 8.78 -6.20 -2.00
CA ASN A 527 9.18 -5.66 -3.32
C ASN A 527 10.34 -6.45 -3.92
N LEU A 528 11.33 -6.84 -3.11
CA LEU A 528 12.40 -7.71 -3.60
C LEU A 528 11.81 -8.98 -4.18
N PHE A 529 10.89 -9.60 -3.44
CA PHE A 529 10.24 -10.83 -3.86
C PHE A 529 9.47 -10.64 -5.17
N SER A 530 8.67 -9.57 -5.26
CA SER A 530 7.87 -9.35 -6.45
C SER A 530 8.75 -9.07 -7.66
N GLU A 531 9.82 -8.28 -7.47
CA GLU A 531 10.72 -8.03 -8.59
C GLU A 531 11.33 -9.34 -9.11
N GLU A 532 11.70 -10.23 -8.19
CA GLU A 532 12.32 -11.49 -8.59
C GLU A 532 11.30 -12.44 -9.25
N MET A 533 10.05 -12.46 -8.76
CA MET A 533 9.04 -13.33 -9.36
C MET A 533 8.54 -12.85 -10.71
N THR A 534 8.36 -11.54 -10.89
CA THR A 534 7.75 -11.08 -12.13
C THR A 534 8.76 -10.95 -13.25
N LYS A 535 10.03 -10.69 -12.91
CA LYS A 535 11.10 -10.49 -13.88
C LYS A 535 10.71 -9.45 -14.92
N THR A 536 10.04 -8.38 -14.49
CA THR A 536 9.63 -7.30 -15.37
CA THR A 536 9.68 -7.30 -15.40
C THR A 536 10.06 -5.96 -14.77
N VAL A 537 10.62 -5.06 -15.60
CA VAL A 537 11.07 -3.78 -15.07
C VAL A 537 9.90 -2.93 -14.56
N THR A 538 8.68 -3.19 -15.03
CA THR A 538 7.56 -2.37 -14.59
C THR A 538 7.20 -2.58 -13.13
N THR A 539 7.64 -3.68 -12.52
CA THR A 539 7.36 -3.90 -11.11
C THR A 539 7.98 -2.79 -10.26
N ARG A 540 9.29 -2.58 -10.40
CA ARG A 540 9.94 -1.48 -9.67
C ARG A 540 9.37 -0.13 -10.10
N LEU A 541 9.13 0.05 -11.40
CA LEU A 541 8.55 1.32 -11.86
C LEU A 541 7.21 1.58 -11.19
N SER A 542 6.38 0.54 -11.05
CA SER A 542 5.07 0.73 -10.44
C SER A 542 5.18 1.19 -8.99
N HIS A 543 6.19 0.72 -8.27
CA HIS A 543 6.35 1.16 -6.89
CA HIS A 543 6.38 1.15 -6.89
C HIS A 543 6.80 2.61 -6.82
N VAL A 544 7.72 3.02 -7.70
CA VAL A 544 8.16 4.41 -7.75
C VAL A 544 6.99 5.32 -8.12
N ASP A 545 6.18 4.89 -9.08
CA ASP A 545 5.05 5.69 -9.56
C ASP A 545 4.07 5.94 -8.44
N LEU A 546 3.82 4.90 -7.63
CA LEU A 546 2.97 5.06 -6.45
CA LEU A 546 2.96 5.08 -6.46
C LEU A 546 3.61 6.01 -5.45
N LEU A 547 4.90 5.83 -5.15
CA LEU A 547 5.54 6.70 -4.16
C LEU A 547 5.50 8.16 -4.59
N ARG A 548 5.90 8.46 -5.83
CA ARG A 548 6.04 9.85 -6.22
C ARG A 548 4.72 10.56 -6.46
N SER A 549 3.62 9.84 -6.55
CA SER A 549 2.31 10.48 -6.65
C SER A 549 1.68 10.55 -5.26
N VAL A 550 1.28 9.39 -4.73
CA VAL A 550 0.48 9.36 -3.50
C VAL A 550 1.33 9.75 -2.27
N GLN A 551 2.54 9.19 -2.14
CA GLN A 551 3.29 9.47 -0.93
C GLN A 551 3.89 10.87 -0.96
N PHE A 552 4.37 11.34 -2.12
CA PHE A 552 4.89 12.71 -2.18
C PHE A 552 3.80 13.72 -1.89
N LEU A 553 2.57 13.48 -2.38
CA LEU A 553 1.44 14.33 -2.02
C LEU A 553 1.23 14.35 -0.51
N GLU A 554 1.20 13.16 0.11
CA GLU A 554 1.06 13.14 1.57
C GLU A 554 2.16 13.96 2.24
N ASP A 555 3.41 13.81 1.77
CA ASP A 555 4.52 14.45 2.46
C ASP A 555 4.58 15.96 2.23
N SER A 556 3.84 16.50 1.26
CA SER A 556 3.76 17.96 1.13
C SER A 556 2.43 18.50 1.60
N SER A 557 1.58 17.65 2.17
CA SER A 557 0.28 18.00 2.69
C SER A 557 0.38 18.36 4.17
N PRO A 558 -0.69 18.90 4.75
CA PRO A 558 -0.71 19.13 6.20
C PRO A 558 -0.62 17.86 7.02
N LEU A 559 -0.80 16.69 6.41
CA LEU A 559 -0.66 15.41 7.09
C LEU A 559 0.76 14.91 7.17
N SER A 560 1.72 15.64 6.58
CA SER A 560 3.11 15.18 6.49
C SER A 560 3.66 14.72 7.85
N HIS A 561 4.33 13.58 7.84
CA HIS A 561 4.93 13.04 9.05
C HIS A 561 6.17 12.24 8.66
N PRO A 562 7.12 12.05 9.58
CA PRO A 562 8.22 11.12 9.32
C PRO A 562 7.74 9.68 9.39
N ILE A 563 8.58 8.77 8.92
CA ILE A 563 8.18 7.37 8.92
C ILE A 563 8.08 6.82 10.33
N ARG A 564 8.69 7.49 11.32
CA ARG A 564 8.48 7.21 12.74
C ARG A 564 7.94 8.48 13.38
N PRO A 565 6.63 8.65 13.44
CA PRO A 565 6.06 9.87 14.01
C PRO A 565 6.39 10.04 15.49
N GLU A 566 6.22 11.28 15.95
CA GLU A 566 6.45 11.62 17.34
C GLU A 566 5.22 11.49 18.22
N SER A 567 4.03 11.46 17.62
CA SER A 567 2.78 11.39 18.38
C SER A 567 1.69 10.76 17.53
N TYR A 568 0.64 10.29 18.21
CA TYR A 568 -0.58 9.89 17.54
C TYR A 568 -1.76 10.03 18.48
N VAL A 569 -2.94 10.20 17.89
CA VAL A 569 -4.20 10.07 18.60
C VAL A 569 -4.93 8.80 18.20
N SER A 570 -5.01 8.53 16.90
CA SER A 570 -5.72 7.37 16.37
C SER A 570 -4.72 6.43 15.72
N MET A 571 -4.65 5.18 16.22
CA MET A 571 -3.81 4.19 15.56
CA MET A 571 -3.84 4.16 15.57
C MET A 571 -4.41 3.76 14.23
N GLU A 572 -5.74 3.80 14.09
CA GLU A 572 -6.35 3.37 12.84
C GLU A 572 -6.00 4.31 11.69
N ASN A 573 -5.47 5.51 11.97
CA ASN A 573 -5.05 6.45 10.93
C ASN A 573 -3.54 6.45 10.71
N PHE A 574 -2.81 5.63 11.47
CA PHE A 574 -1.35 5.60 11.46
C PHE A 574 -0.77 4.83 10.28
N TYR A 575 -1.59 4.03 9.61
CA TYR A 575 -1.11 3.05 8.63
C TYR A 575 -1.09 3.74 7.28
N THR A 576 -0.01 4.49 7.03
CA THR A 576 0.04 5.44 5.92
C THR A 576 1.03 5.00 4.85
N THR A 577 0.86 5.59 3.64
CA THR A 577 1.85 5.37 2.59
C THR A 577 3.23 5.91 2.99
N THR A 578 3.28 6.92 3.87
CA THR A 578 4.58 7.34 4.38
C THR A 578 5.23 6.22 5.18
N VAL A 579 4.50 5.65 6.14
CA VAL A 579 5.09 4.61 6.99
C VAL A 579 5.44 3.38 6.17
N TYR A 580 4.58 3.03 5.20
CA TYR A 580 4.75 1.81 4.42
C TYR A 580 5.73 2.00 3.26
N ASP A 581 5.44 2.96 2.38
CA ASP A 581 6.14 3.06 1.11
C ASP A 581 7.40 3.92 1.21
N LYS A 582 7.34 5.08 1.87
CA LYS A 582 8.61 5.74 2.17
C LYS A 582 9.44 4.89 3.12
N GLY A 583 8.79 4.26 4.11
CA GLY A 583 9.52 3.31 4.95
C GLY A 583 10.24 2.24 4.16
N SER A 584 9.56 1.70 3.12
CA SER A 584 10.19 0.67 2.30
CA SER A 584 10.18 0.68 2.28
C SER A 584 11.38 1.22 1.54
N GLU A 585 11.28 2.46 1.04
CA GLU A 585 12.42 3.04 0.34
C GLU A 585 13.58 3.32 1.30
N VAL A 586 13.29 3.68 2.55
CA VAL A 586 14.37 3.84 3.52
C VAL A 586 15.01 2.49 3.83
N MET A 587 14.19 1.43 3.88
CA MET A 587 14.76 0.11 4.12
C MET A 587 15.57 -0.36 2.91
N ARG A 588 15.09 -0.02 1.71
CA ARG A 588 15.81 -0.41 0.50
C ARG A 588 17.13 0.34 0.35
N MET A 589 17.21 1.57 0.89
CA MET A 589 18.43 2.34 0.71
C MET A 589 19.60 1.68 1.44
N TYR A 590 19.34 0.95 2.53
CA TYR A 590 20.41 0.19 3.17
C TYR A 590 20.99 -0.84 2.20
N LEU A 591 20.13 -1.53 1.45
CA LEU A 591 20.63 -2.50 0.48
C LEU A 591 21.45 -1.80 -0.61
N THR A 592 20.99 -0.64 -1.07
CA THR A 592 21.78 0.12 -2.05
C THR A 592 23.14 0.53 -1.50
N ILE A 593 23.19 0.98 -0.24
CA ILE A 593 24.44 1.44 0.36
C ILE A 593 25.40 0.28 0.58
N LEU A 594 24.91 -0.84 1.12
CA LEU A 594 25.79 -1.92 1.53
C LEU A 594 26.13 -2.89 0.41
N GLY A 595 25.27 -2.97 -0.61
CA GLY A 595 25.33 -4.06 -1.57
C GLY A 595 24.76 -5.33 -1.01
N GLU A 596 24.48 -6.26 -1.92
CA GLU A 596 23.72 -7.46 -1.56
C GLU A 596 24.41 -8.28 -0.50
N GLU A 597 25.72 -8.50 -0.63
CA GLU A 597 26.40 -9.38 0.31
C GLU A 597 26.39 -8.82 1.73
N TYR A 598 26.79 -7.56 1.87
CA TYR A 598 26.83 -6.95 3.19
C TYR A 598 25.43 -6.63 3.69
N TYR A 599 24.47 -6.38 2.81
CA TYR A 599 23.10 -6.20 3.28
C TYR A 599 22.59 -7.48 3.94
N LYS A 600 22.81 -8.62 3.27
CA LYS A 600 22.39 -9.91 3.81
C LYS A 600 23.07 -10.18 5.14
N LYS A 601 24.35 -9.78 5.27
CA LYS A 601 25.04 -9.98 6.53
C LYS A 601 24.42 -9.17 7.66
N GLY A 602 24.17 -7.87 7.40
CA GLY A 602 23.53 -7.05 8.42
C GLY A 602 22.12 -7.49 8.74
N PHE A 603 21.37 -7.94 7.73
CA PHE A 603 20.00 -8.39 7.98
C PHE A 603 20.00 -9.61 8.89
N ASP A 604 20.91 -10.55 8.67
CA ASP A 604 20.99 -11.72 9.53
C ASP A 604 21.40 -11.33 10.95
N ILE A 605 22.29 -10.36 11.09
CA ILE A 605 22.61 -9.85 12.43
C ILE A 605 21.35 -9.34 13.12
N TYR A 606 20.52 -8.58 12.39
CA TYR A 606 19.27 -8.10 12.95
C TYR A 606 18.38 -9.25 13.41
N ILE A 607 18.26 -10.28 12.57
CA ILE A 607 17.37 -11.40 12.91
C ILE A 607 17.92 -12.16 14.10
N LYS A 608 19.21 -12.50 14.07
CA LYS A 608 19.76 -13.33 15.14
C LYS A 608 19.72 -12.62 16.49
N LYS A 609 20.02 -11.32 16.50
CA LYS A 609 20.07 -10.58 17.76
C LYS A 609 18.68 -10.34 18.36
N ASN A 610 17.63 -10.24 17.54
CA ASN A 610 16.34 -9.80 18.03
C ASN A 610 15.24 -10.84 17.93
N ASP A 611 15.52 -12.00 17.35
CA ASP A 611 14.55 -13.08 17.23
C ASP A 611 13.93 -13.41 18.58
N GLY A 612 12.61 -13.40 18.64
CA GLY A 612 11.87 -13.71 19.84
C GLY A 612 11.60 -12.54 20.76
N ASN A 613 11.97 -11.32 20.36
CA ASN A 613 11.75 -10.20 21.26
CA ASN A 613 11.90 -10.14 21.21
C ASN A 613 11.19 -9.01 20.48
N THR A 614 10.87 -7.96 21.22
CA THR A 614 10.47 -6.70 20.66
C THR A 614 11.71 -5.96 20.17
N ALA A 615 11.51 -5.02 19.26
CA ALA A 615 12.64 -4.25 18.77
C ALA A 615 12.20 -2.84 18.41
N THR A 616 13.18 -1.98 18.15
CA THR A 616 12.96 -0.59 17.76
C THR A 616 13.72 -0.30 16.47
N CYS A 617 13.42 0.85 15.86
CA CYS A 617 14.13 1.22 14.63
C CYS A 617 15.63 1.27 14.85
N GLU A 618 16.05 1.68 16.05
CA GLU A 618 17.48 1.73 16.35
C GLU A 618 18.13 0.36 16.27
N ASP A 619 17.40 -0.71 16.63
CA ASP A 619 18.00 -2.05 16.55
C ASP A 619 18.33 -2.41 15.11
N PHE A 620 17.47 -1.99 14.17
CA PHE A 620 17.76 -2.29 12.78
C PHE A 620 18.91 -1.46 12.26
N ASN A 621 18.92 -0.15 12.58
CA ASN A 621 20.03 0.69 12.16
C ASN A 621 21.35 0.17 12.72
N TYR A 622 21.34 -0.32 13.96
CA TYR A 622 22.56 -0.85 14.56
C TYR A 622 23.09 -2.04 13.79
N ALA A 623 22.19 -2.96 13.42
CA ALA A 623 22.60 -4.12 12.64
C ALA A 623 23.17 -3.72 11.30
N MET A 624 22.54 -2.75 10.62
CA MET A 624 23.06 -2.26 9.36
C MET A 624 24.41 -1.59 9.54
N GLU A 625 24.57 -0.89 10.66
CA GLU A 625 25.84 -0.22 10.94
C GLU A 625 26.98 -1.22 11.11
N GLN A 626 26.72 -2.37 11.74
CA GLN A 626 27.76 -3.38 11.85
C GLN A 626 28.23 -3.84 10.47
N ALA A 627 27.27 -4.08 9.56
CA ALA A 627 27.64 -4.42 8.20
C ALA A 627 28.33 -3.27 7.49
N TYR A 628 27.97 -2.03 7.84
CA TYR A 628 28.62 -0.87 7.24
C TYR A 628 30.09 -0.80 7.64
N LYS A 629 30.40 -1.01 8.92
CA LYS A 629 31.79 -1.02 9.36
C LYS A 629 32.57 -2.11 8.65
N MET A 630 31.94 -3.27 8.44
CA MET A 630 32.61 -4.37 7.75
C MET A 630 32.87 -4.00 6.30
N LYS A 631 31.88 -3.44 5.62
CA LYS A 631 32.07 -3.07 4.22
CA LYS A 631 32.07 -3.07 4.22
C LYS A 631 33.15 -2.00 4.06
N LYS A 632 33.16 -1.01 4.96
CA LYS A 632 34.14 0.05 4.87
C LYS A 632 35.50 -0.34 5.45
N ALA A 633 35.59 -1.49 6.10
CA ALA A 633 36.80 -1.88 6.84
C ALA A 633 37.26 -0.74 7.73
N ASP A 634 36.32 -0.21 8.51
CA ASP A 634 36.57 0.98 9.31
C ASP A 634 35.60 0.93 10.48
N ASN A 635 36.10 0.47 11.62
CA ASN A 635 35.27 0.37 12.82
C ASN A 635 34.89 1.73 13.41
N SER A 636 35.33 2.81 12.79
CA SER A 636 34.89 4.15 13.17
C SER A 636 33.73 4.64 12.31
N ALA A 637 33.45 3.96 11.19
CA ALA A 637 32.31 4.31 10.36
C ALA A 637 31.01 4.08 11.13
N ASN A 638 30.02 4.94 10.87
CA ASN A 638 28.75 4.80 11.56
C ASN A 638 27.63 5.32 10.68
N LEU A 639 26.41 4.97 11.09
CA LEU A 639 25.18 5.35 10.41
C LEU A 639 24.33 6.26 11.29
N ASN A 640 24.95 7.05 12.17
CA ASN A 640 24.18 7.94 13.03
CA ASN A 640 24.16 7.92 13.03
C ASN A 640 23.33 8.90 12.21
N GLN A 641 23.91 9.43 11.13
CA GLN A 641 23.17 10.38 10.29
C GLN A 641 21.98 9.70 9.63
N TYR A 642 22.08 8.40 9.38
CA TYR A 642 21.01 7.68 8.70
C TYR A 642 19.71 7.72 9.50
N LEU A 643 19.80 7.84 10.83
CA LEU A 643 18.60 7.87 11.65
C LEU A 643 17.70 9.05 11.33
N LEU A 644 18.23 10.09 10.69
CA LEU A 644 17.38 11.21 10.30
C LEU A 644 16.31 10.79 9.30
N TRP A 645 16.53 9.70 8.55
CA TRP A 645 15.47 9.19 7.68
C TRP A 645 14.25 8.75 8.47
N PHE A 646 14.41 8.42 9.74
CA PHE A 646 13.29 8.00 10.56
C PHE A 646 12.56 9.17 11.20
N SER A 647 13.27 10.29 11.46
CA SER A 647 12.71 11.39 12.23
C SER A 647 12.36 12.61 11.41
N GLN A 648 12.94 12.78 10.22
CA GLN A 648 12.72 13.98 9.43
C GLN A 648 11.61 13.75 8.42
N SER A 649 10.61 14.64 8.42
CA SER A 649 9.53 14.57 7.47
C SER A 649 9.83 15.39 6.22
N GLY A 650 9.04 15.16 5.18
CA GLY A 650 9.22 15.90 3.94
C GLY A 650 10.10 15.17 2.95
N THR A 651 9.96 15.57 1.67
CA THR A 651 10.69 14.96 0.57
C THR A 651 11.92 15.80 0.26
N PRO A 652 13.13 15.25 0.31
CA PRO A 652 14.29 16.03 -0.10
C PRO A 652 14.26 16.33 -1.58
N HIS A 653 14.80 17.51 -1.92
CA HIS A 653 15.04 17.89 -3.30
C HIS A 653 16.54 17.78 -3.56
N VAL A 654 16.91 17.05 -4.61
CA VAL A 654 18.31 16.89 -4.99
C VAL A 654 18.51 17.47 -6.38
N SER A 655 19.43 18.42 -6.51
CA SER A 655 19.67 19.12 -7.76
CA SER A 655 19.67 19.10 -7.78
C SER A 655 21.14 19.01 -8.15
N PHE A 656 21.42 19.19 -9.43
CA PHE A 656 22.73 18.91 -10.00
C PHE A 656 23.23 20.05 -10.88
N LYS A 657 24.55 20.21 -10.89
CA LYS A 657 25.25 21.00 -11.92
C LYS A 657 26.45 20.16 -12.38
N TYR A 658 26.95 20.44 -13.59
CA TYR A 658 27.97 19.59 -14.19
C TYR A 658 29.11 20.44 -14.74
N ASN A 659 30.29 19.82 -14.84
CA ASN A 659 31.40 20.46 -15.51
C ASN A 659 32.25 19.39 -16.19
N TYR A 660 32.66 19.67 -17.43
CA TYR A 660 33.54 18.76 -18.14
C TYR A 660 34.72 19.57 -18.64
N ASP A 661 35.92 19.09 -18.36
CA ASP A 661 37.13 19.71 -18.91
C ASP A 661 37.67 18.77 -19.98
N ALA A 662 37.52 19.17 -21.25
CA ALA A 662 37.86 18.25 -22.33
C ALA A 662 39.36 17.98 -22.38
N GLU A 663 40.19 18.96 -22.02
CA GLU A 663 41.63 18.76 -22.02
C GLU A 663 42.04 17.80 -20.91
N LYS A 664 41.48 17.97 -19.71
CA LYS A 664 41.83 17.15 -18.56
C LYS A 664 41.13 15.80 -18.54
N LYS A 665 40.13 15.59 -19.39
CA LYS A 665 39.27 14.41 -19.33
C LYS A 665 38.69 14.25 -17.93
N GLN A 666 38.27 15.37 -17.35
CA GLN A 666 37.82 15.43 -15.97
C GLN A 666 36.37 15.89 -15.90
N TYR A 667 35.52 15.08 -15.29
CA TYR A 667 34.09 15.35 -15.21
C TYR A 667 33.67 15.51 -13.75
N SER A 668 32.85 16.53 -13.49
CA SER A 668 32.41 16.86 -12.13
C SER A 668 30.90 16.90 -12.04
N ILE A 669 30.35 16.26 -11.00
CA ILE A 669 28.94 16.35 -10.67
C ILE A 669 28.85 17.10 -9.35
N HIS A 670 28.26 18.29 -9.37
CA HIS A 670 28.00 19.08 -8.17
CA HIS A 670 28.00 19.05 -8.16
C HIS A 670 26.56 18.81 -7.74
N VAL A 671 26.37 18.34 -6.53
CA VAL A 671 25.07 17.89 -6.05
CA VAL A 671 25.05 17.93 -6.08
C VAL A 671 24.68 18.69 -4.81
N ASN A 672 23.41 19.07 -4.72
CA ASN A 672 22.88 19.80 -3.59
C ASN A 672 21.62 19.11 -3.11
N GLN A 673 21.41 19.10 -1.79
CA GLN A 673 20.16 18.62 -1.23
C GLN A 673 19.50 19.67 -0.35
N TYR A 674 18.18 19.64 -0.34
CA TYR A 674 17.36 20.60 0.39
C TYR A 674 16.06 19.92 0.76
N THR A 675 15.62 20.05 2.01
CA THR A 675 14.25 19.68 2.39
C THR A 675 13.55 20.93 2.89
N LYS A 676 12.36 21.21 2.36
CA LYS A 676 11.61 22.38 2.79
C LYS A 676 11.19 22.25 4.25
N PRO A 677 11.33 23.30 5.04
CA PRO A 677 10.83 23.28 6.42
C PRO A 677 9.32 23.05 6.44
N ASP A 678 8.85 22.40 7.50
CA ASP A 678 7.42 22.12 7.64
C ASP A 678 7.06 22.19 9.12
N GLU A 679 5.87 21.70 9.49
CA GLU A 679 5.45 21.82 10.88
C GLU A 679 6.22 20.90 11.82
N ASN A 680 6.99 19.94 11.32
CA ASN A 680 7.70 19.00 12.18
C ASN A 680 9.14 19.40 12.44
N GLN A 681 9.78 20.11 11.51
CA GLN A 681 11.13 20.63 11.73
C GLN A 681 11.24 21.99 11.05
N LYS A 682 11.53 23.03 11.84
CA LYS A 682 11.81 24.33 11.26
C LYS A 682 13.11 24.30 10.47
N GLU A 683 14.10 23.57 10.97
CA GLU A 683 15.39 23.44 10.31
C GLU A 683 15.58 21.98 9.94
N LYS A 684 15.84 21.73 8.66
CA LYS A 684 15.99 20.39 8.12
C LYS A 684 17.48 20.08 7.94
N LYS A 685 17.90 18.96 8.41
CA LYS A 685 19.31 18.59 8.34
C LYS A 685 19.58 17.79 7.06
N PRO A 686 20.81 17.84 6.55
CA PRO A 686 21.15 16.99 5.39
C PRO A 686 21.09 15.51 5.76
N LEU A 687 20.59 14.71 4.82
CA LEU A 687 20.45 13.28 5.01
C LEU A 687 21.59 12.54 4.32
N PHE A 688 21.71 11.26 4.66
CA PHE A 688 22.60 10.32 3.97
C PHE A 688 21.88 9.84 2.72
N ILE A 689 22.24 10.38 1.56
CA ILE A 689 21.51 10.12 0.32
C ILE A 689 22.43 9.31 -0.60
N PRO A 690 22.11 8.05 -0.90
CA PRO A 690 22.91 7.28 -1.87
C PRO A 690 22.43 7.51 -3.29
N ILE A 691 23.33 7.92 -4.18
CA ILE A 691 22.98 8.28 -5.55
C ILE A 691 23.64 7.27 -6.46
N SER A 692 22.88 6.26 -6.90
CA SER A 692 23.42 5.32 -7.86
CA SER A 692 23.39 5.31 -7.88
C SER A 692 23.50 5.99 -9.23
N VAL A 693 24.71 5.97 -9.84
CA VAL A 693 24.96 6.74 -11.04
CA VAL A 693 24.99 6.76 -11.03
C VAL A 693 25.66 5.90 -12.10
N GLY A 694 25.37 6.24 -13.37
CA GLY A 694 26.17 5.82 -14.49
C GLY A 694 26.49 7.05 -15.32
N LEU A 695 27.46 6.89 -16.22
CA LEU A 695 27.82 7.93 -17.18
C LEU A 695 27.70 7.34 -18.57
N ILE A 696 26.82 7.91 -19.39
CA ILE A 696 26.52 7.38 -20.71
C ILE A 696 27.31 8.17 -21.75
N ASN A 697 28.00 7.45 -22.63
CA ASN A 697 28.70 8.07 -23.77
C ASN A 697 27.67 8.45 -24.83
N PRO A 698 27.48 9.74 -25.11
CA PRO A 698 26.38 10.12 -26.02
C PRO A 698 26.58 9.65 -27.46
N GLU A 699 27.78 9.26 -27.85
CA GLU A 699 27.98 8.86 -29.25
C GLU A 699 27.64 7.41 -29.50
N ASN A 700 27.82 6.53 -28.51
CA ASN A 700 27.50 5.12 -28.70
C ASN A 700 26.59 4.53 -27.63
N GLY A 701 26.13 5.33 -26.66
CA GLY A 701 25.21 4.81 -25.67
C GLY A 701 25.81 3.89 -24.64
N LYS A 702 27.13 3.76 -24.57
CA LYS A 702 27.75 2.78 -23.68
C LYS A 702 28.07 3.35 -22.31
N GLU A 703 28.20 2.46 -21.33
CA GLU A 703 28.64 2.84 -19.99
C GLU A 703 30.09 3.32 -20.02
N MET A 704 30.37 4.42 -19.32
CA MET A 704 31.73 4.94 -19.24
C MET A 704 32.42 4.64 -17.93
N ILE A 705 31.69 4.25 -16.88
CA ILE A 705 32.28 3.91 -15.59
C ILE A 705 31.57 2.68 -15.03
N SER A 706 32.23 2.05 -14.06
CA SER A 706 31.62 0.91 -13.36
C SER A 706 30.51 1.40 -12.44
N GLN A 707 29.78 0.43 -11.89
CA GLN A 707 28.70 0.73 -10.95
C GLN A 707 29.23 1.60 -9.82
N THR A 708 28.52 2.69 -9.55
CA THR A 708 28.98 3.69 -8.60
C THR A 708 27.79 4.21 -7.82
N THR A 709 27.91 4.24 -6.50
CA THR A 709 26.91 4.85 -5.63
C THR A 709 27.57 5.97 -4.85
N LEU A 710 27.26 7.21 -5.23
CA LEU A 710 27.77 8.38 -4.52
C LEU A 710 27.07 8.49 -3.17
N GLU A 711 27.85 8.75 -2.13
CA GLU A 711 27.31 8.89 -0.78
C GLU A 711 27.28 10.37 -0.48
N LEU A 712 26.12 11.01 -0.67
CA LEU A 712 25.96 12.43 -0.35
C LEU A 712 25.56 12.54 1.11
N THR A 713 26.44 13.12 1.94
CA THR A 713 26.15 13.25 3.35
C THR A 713 26.11 14.69 3.82
N LYS A 714 26.37 15.64 2.94
CA LYS A 714 26.38 17.06 3.26
C LYS A 714 25.30 17.77 2.46
N GLU A 715 25.08 19.05 2.79
CA GLU A 715 24.13 19.85 2.03
C GLU A 715 24.53 19.92 0.56
N SER A 716 25.82 19.89 0.27
CA SER A 716 26.28 19.84 -1.11
C SER A 716 27.63 19.14 -1.14
N ASP A 717 27.97 18.59 -2.30
CA ASP A 717 29.27 17.96 -2.50
C ASP A 717 29.57 17.94 -3.98
N THR A 718 30.86 17.87 -4.31
CA THR A 718 31.29 17.78 -5.70
C THR A 718 31.99 16.44 -5.91
N PHE A 719 31.49 15.64 -6.86
CA PHE A 719 32.07 14.34 -7.17
C PHE A 719 32.81 14.43 -8.50
N VAL A 720 34.12 14.13 -8.47
CA VAL A 720 34.97 14.32 -9.63
C VAL A 720 35.38 12.95 -10.15
N PHE A 721 35.39 12.82 -11.49
CA PHE A 721 35.77 11.61 -12.17
C PHE A 721 36.89 11.95 -13.15
N ASN A 722 37.97 11.20 -13.07
CA ASN A 722 39.08 11.38 -14.01
C ASN A 722 38.98 10.40 -15.17
N ASN A 723 39.76 10.68 -16.22
CA ASN A 723 39.87 9.80 -17.38
C ASN A 723 38.49 9.53 -17.99
N ILE A 724 37.74 10.61 -18.17
CA ILE A 724 36.44 10.60 -18.82
C ILE A 724 36.67 11.15 -20.22
N ALA A 725 36.67 10.27 -21.23
CA ALA A 725 37.22 10.61 -22.54
C ALA A 725 36.33 11.57 -23.34
N VAL A 726 35.03 11.61 -23.08
CA VAL A 726 34.11 12.50 -23.76
CA VAL A 726 34.12 12.51 -23.76
C VAL A 726 33.12 13.01 -22.72
N LYS A 727 32.46 14.12 -23.06
CA LYS A 727 31.47 14.69 -22.13
C LYS A 727 30.30 13.72 -22.00
N PRO A 728 30.01 13.20 -20.82
CA PRO A 728 28.97 12.17 -20.69
C PRO A 728 27.60 12.82 -20.55
N ILE A 729 26.59 11.97 -20.64
CA ILE A 729 25.28 12.33 -20.11
C ILE A 729 25.08 11.51 -18.84
N PRO A 730 24.85 12.13 -17.68
CA PRO A 730 24.77 11.38 -16.44
C PRO A 730 23.41 10.69 -16.29
N SER A 731 23.48 9.47 -15.77
CA SER A 731 22.33 8.61 -15.48
C SER A 731 22.17 8.60 -13.96
N LEU A 732 21.22 9.36 -13.44
CA LEU A 732 21.20 9.72 -12.03
C LEU A 732 20.07 9.02 -11.27
N PHE A 733 20.42 8.57 -10.07
CA PHE A 733 19.49 7.84 -9.18
C PHE A 733 18.94 6.58 -9.85
N ARG A 734 19.84 5.80 -10.45
CA ARG A 734 19.44 4.54 -11.07
C ARG A 734 18.66 3.67 -10.09
N GLY A 735 17.62 3.01 -10.60
CA GLY A 735 16.74 2.24 -9.75
C GLY A 735 15.88 3.07 -8.82
N PHE A 736 15.89 4.40 -8.97
CA PHE A 736 15.33 5.36 -8.00
C PHE A 736 15.92 5.12 -6.62
N SER A 737 17.19 5.53 -6.49
CA SER A 737 17.99 5.05 -5.36
C SER A 737 17.78 5.84 -4.07
N ALA A 738 16.98 6.90 -4.08
CA ALA A 738 16.61 7.58 -2.84
C ALA A 738 15.25 8.22 -3.07
N PRO A 739 14.43 8.33 -2.02
CA PRO A 739 13.07 8.87 -2.18
C PRO A 739 13.06 10.40 -2.15
N VAL A 740 13.41 10.99 -3.30
CA VAL A 740 13.67 12.42 -3.41
C VAL A 740 13.04 12.97 -4.69
N TYR A 741 12.86 14.30 -4.72
CA TYR A 741 12.61 15.01 -5.96
C TYR A 741 13.94 15.16 -6.71
N ILE A 742 14.01 14.61 -7.90
CA ILE A 742 15.22 14.69 -8.71
C ILE A 742 15.10 15.86 -9.69
N GLU A 743 16.05 16.78 -9.64
CA GLU A 743 16.13 17.88 -10.59
C GLU A 743 17.41 17.68 -11.41
N ASP A 744 17.27 17.03 -12.59
CA ASP A 744 18.47 16.53 -13.29
C ASP A 744 19.18 17.63 -14.08
N GLN A 745 18.52 18.76 -14.32
CA GLN A 745 19.12 19.88 -15.05
C GLN A 745 19.64 19.44 -16.42
N LEU A 746 18.97 18.46 -17.01
CA LEU A 746 19.32 17.98 -18.34
C LEU A 746 18.44 18.63 -19.39
N THR A 747 19.00 18.81 -20.58
CA THR A 747 18.20 19.26 -21.71
C THR A 747 17.29 18.15 -22.18
N ASP A 748 16.26 18.53 -22.93
CA ASP A 748 15.41 17.48 -23.47
C ASP A 748 16.15 16.61 -24.48
N GLU A 749 17.08 17.24 -25.19
CA GLU A 749 17.98 16.40 -26.03
CA GLU A 749 17.81 16.36 -25.98
C GLU A 749 18.75 15.23 -25.30
N GLU A 750 19.26 15.62 -24.11
CA GLU A 750 19.95 14.65 -23.26
C GLU A 750 18.99 13.63 -22.71
N ARG A 751 17.79 14.06 -22.30
CA ARG A 751 16.83 13.11 -21.76
C ARG A 751 16.36 12.14 -22.82
N ILE A 752 16.17 12.62 -24.05
CA ILE A 752 15.83 11.71 -25.14
C ILE A 752 16.93 10.67 -25.34
N LEU A 753 18.20 11.07 -25.27
CA LEU A 753 19.25 10.09 -25.43
C LEU A 753 19.20 9.03 -24.34
N LEU A 754 18.98 9.45 -23.09
CA LEU A 754 18.85 8.47 -22.01
C LEU A 754 17.66 7.56 -22.24
N LEU A 755 16.52 8.15 -22.61
CA LEU A 755 15.32 7.36 -22.85
C LEU A 755 15.57 6.27 -23.89
N LYS A 756 16.30 6.61 -24.96
CA LYS A 756 16.55 5.59 -25.97
C LYS A 756 17.64 4.60 -25.57
N TYR A 757 18.72 5.07 -24.92
CA TYR A 757 19.97 4.31 -24.85
C TYR A 757 20.50 3.99 -23.46
N ASP A 758 19.94 4.56 -22.39
CA ASP A 758 20.42 4.23 -21.07
C ASP A 758 20.11 2.78 -20.72
N SER A 759 20.89 2.23 -19.78
CA SER A 759 20.73 0.85 -19.34
C SER A 759 19.73 0.68 -18.20
N ASP A 760 19.39 1.76 -17.50
CA ASP A 760 18.60 1.67 -16.29
C ASP A 760 17.14 2.01 -16.57
N ALA A 761 16.23 1.10 -16.23
CA ALA A 761 14.83 1.31 -16.58
C ALA A 761 14.27 2.56 -15.91
N PHE A 762 14.59 2.77 -14.63
CA PHE A 762 14.04 3.95 -13.96
C PHE A 762 14.55 5.25 -14.62
N VAL A 763 15.85 5.33 -14.93
CA VAL A 763 16.33 6.61 -15.45
C VAL A 763 15.72 6.88 -16.82
N ARG A 764 15.48 5.83 -17.61
CA ARG A 764 14.80 6.02 -18.89
C ARG A 764 13.39 6.54 -18.66
N TYR A 765 12.65 5.85 -17.78
CA TYR A 765 11.29 6.24 -17.38
CA TYR A 765 11.30 6.26 -17.42
C TYR A 765 11.27 7.65 -16.81
N ASN A 766 12.25 7.99 -15.98
CA ASN A 766 12.25 9.32 -15.36
C ASN A 766 12.58 10.40 -16.37
N SER A 767 13.48 10.10 -17.31
CA SER A 767 13.81 11.08 -18.33
C SER A 767 12.59 11.41 -19.17
N CYS A 768 11.82 10.38 -19.53
CA CYS A 768 10.54 10.58 -20.19
C CYS A 768 9.58 11.39 -19.33
N THR A 769 9.44 11.02 -18.04
CA THR A 769 8.61 11.79 -17.11
C THR A 769 9.00 13.27 -17.10
N ASN A 770 10.32 13.56 -17.07
CA ASN A 770 10.80 14.94 -16.97
C ASN A 770 10.51 15.72 -18.25
N ILE A 771 10.63 15.06 -19.42
CA ILE A 771 10.25 15.69 -20.68
C ILE A 771 8.77 16.05 -20.66
N TYR A 772 7.93 15.09 -20.25
CA TYR A 772 6.51 15.38 -20.12
C TYR A 772 6.27 16.53 -19.16
N MET A 773 6.93 16.53 -17.99
CA MET A 773 6.63 17.56 -16.99
C MET A 773 6.97 18.96 -17.52
N LYS A 774 8.08 19.09 -18.25
CA LYS A 774 8.42 20.39 -18.83
C LYS A 774 7.35 20.86 -19.79
N GLN A 775 6.84 19.95 -20.62
CA GLN A 775 5.79 20.28 -21.56
C GLN A 775 4.51 20.65 -20.83
N ILE A 776 4.15 19.85 -19.82
CA ILE A 776 2.91 20.10 -19.07
C ILE A 776 2.93 21.48 -18.42
N LEU A 777 4.03 21.82 -17.74
CA LEU A 777 4.11 23.11 -17.06
C LEU A 777 4.01 24.26 -18.06
N MET A 778 4.66 24.12 -19.21
CA MET A 778 4.62 25.16 -20.23
CA MET A 778 4.61 25.14 -20.24
C MET A 778 3.20 25.32 -20.78
N ASN A 779 2.58 24.24 -21.24
CA ASN A 779 1.25 24.37 -21.80
C ASN A 779 0.24 24.76 -20.74
N TYR A 780 0.42 24.29 -19.50
CA TYR A 780 -0.47 24.70 -18.42
C TYR A 780 -0.45 26.23 -18.29
N ASN A 781 0.73 26.82 -18.23
CA ASN A 781 0.82 28.27 -18.07
CA ASN A 781 0.81 28.27 -18.08
C ASN A 781 0.22 29.00 -19.27
N GLU A 782 0.39 28.44 -20.48
CA GLU A 782 -0.19 29.07 -21.67
C GLU A 782 -1.70 29.05 -21.62
N PHE A 783 -2.29 27.90 -21.28
CA PHE A 783 -3.74 27.82 -21.11
C PHE A 783 -4.21 28.72 -19.97
N LEU A 784 -3.46 28.76 -18.86
CA LEU A 784 -3.87 29.56 -17.70
C LEU A 784 -3.93 31.03 -18.06
N LYS A 785 -2.90 31.52 -18.74
CA LYS A 785 -2.87 32.93 -19.16
C LYS A 785 -4.05 33.24 -20.08
N ALA A 786 -4.36 32.33 -21.01
CA ALA A 786 -5.48 32.58 -21.92
C ALA A 786 -6.79 32.61 -21.17
N LYS A 787 -6.92 31.80 -20.12
CA LYS A 787 -8.11 31.84 -19.28
C LYS A 787 -8.17 33.15 -18.52
N ASN A 788 -7.06 33.54 -17.89
CA ASN A 788 -7.06 34.71 -17.01
C ASN A 788 -7.21 35.99 -17.79
N GLU A 789 -6.58 36.08 -18.96
CA GLU A 789 -6.65 37.27 -19.79
C GLU A 789 -7.82 37.24 -20.76
N LYS A 790 -8.65 36.19 -20.72
CA LYS A 790 -9.82 36.05 -21.58
C LYS A 790 -9.47 36.29 -23.04
N LEU A 791 -8.39 35.64 -23.48
CA LEU A 791 -7.88 35.86 -24.83
C LEU A 791 -8.79 35.25 -25.87
N GLU A 792 -8.95 35.96 -27.00
CA GLU A 792 -9.72 35.43 -28.12
C GLU A 792 -8.88 34.58 -29.04
N SER A 793 -7.55 34.70 -28.96
CA SER A 793 -6.64 33.82 -29.69
C SER A 793 -5.33 33.79 -28.94
N PHE A 794 -4.60 32.68 -29.06
CA PHE A 794 -3.34 32.49 -28.36
C PHE A 794 -2.62 31.31 -29.00
N GLN A 795 -1.36 31.12 -28.63
CA GLN A 795 -0.57 30.02 -29.14
C GLN A 795 -0.27 29.01 -28.03
N LEU A 796 -0.14 27.75 -28.44
CA LEU A 796 0.36 26.70 -27.56
C LEU A 796 1.67 26.20 -28.14
N THR A 797 2.66 25.95 -27.28
CA THR A 797 3.92 25.40 -27.72
C THR A 797 3.77 23.91 -28.00
N PRO A 798 4.08 23.44 -29.20
CA PRO A 798 3.88 22.01 -29.52
C PRO A 798 4.81 21.09 -28.74
N VAL A 799 4.40 19.82 -28.70
CA VAL A 799 5.24 18.77 -28.13
C VAL A 799 6.50 18.62 -28.98
N ASN A 800 7.63 18.43 -28.30
CA ASN A 800 8.94 18.26 -28.95
C ASN A 800 8.90 17.13 -29.99
N ALA A 801 9.24 17.48 -31.24
CA ALA A 801 9.13 16.50 -32.32
C ALA A 801 10.11 15.35 -32.15
N GLN A 802 11.30 15.64 -31.62
CA GLN A 802 12.29 14.57 -31.43
C GLN A 802 11.85 13.64 -30.31
N PHE A 803 11.15 14.16 -29.31
CA PHE A 803 10.57 13.31 -28.28
C PHE A 803 9.54 12.35 -28.87
N ILE A 804 8.64 12.87 -29.71
CA ILE A 804 7.66 12.00 -30.34
C ILE A 804 8.35 10.96 -31.21
N ASP A 805 9.40 11.36 -31.92
CA ASP A 805 10.16 10.39 -32.72
C ASP A 805 10.74 9.28 -31.85
N ALA A 806 11.22 9.65 -30.65
CA ALA A 806 11.83 8.67 -29.75
C ALA A 806 10.78 7.72 -29.20
N ILE A 807 9.59 8.22 -28.90
CA ILE A 807 8.51 7.32 -28.49
C ILE A 807 8.20 6.33 -29.62
N LYS A 808 8.12 6.81 -30.86
CA LYS A 808 7.87 5.93 -32.00
C LYS A 808 8.97 4.88 -32.14
N TYR A 809 10.23 5.32 -32.04
CA TYR A 809 11.38 4.43 -32.09
C TYR A 809 11.27 3.30 -31.07
N LEU A 810 10.90 3.63 -29.82
CA LEU A 810 10.79 2.62 -28.78
CA LEU A 810 10.81 2.60 -28.80
C LEU A 810 9.61 1.70 -29.03
N LEU A 811 8.47 2.26 -29.45
CA LEU A 811 7.28 1.46 -29.70
C LEU A 811 7.51 0.46 -30.82
N GLU A 812 8.27 0.87 -31.85
CA GLU A 812 8.48 -0.01 -32.99
C GLU A 812 9.61 -1.00 -32.78
N ASP A 813 10.30 -0.94 -31.65
CA ASP A 813 11.39 -1.87 -31.36
C ASP A 813 10.82 -3.21 -30.90
N PRO A 814 11.01 -4.29 -31.66
CA PRO A 814 10.44 -5.59 -31.26
C PRO A 814 11.03 -6.12 -29.96
N HIS A 815 12.24 -5.72 -29.63
CA HIS A 815 12.93 -6.23 -28.44
C HIS A 815 12.66 -5.38 -27.20
N ALA A 816 11.92 -4.28 -27.33
CA ALA A 816 11.63 -3.47 -26.16
C ALA A 816 10.45 -4.06 -25.39
N ASP A 817 10.38 -3.71 -24.10
CA ASP A 817 9.43 -4.33 -23.18
C ASP A 817 8.04 -3.70 -23.27
N ALA A 818 7.00 -4.54 -23.32
CA ALA A 818 5.65 -4.03 -23.55
C ALA A 818 5.16 -3.21 -22.36
N GLY A 819 5.47 -3.64 -21.14
CA GLY A 819 5.10 -2.84 -19.97
C GLY A 819 5.76 -1.47 -19.98
N PHE A 820 7.06 -1.42 -20.29
CA PHE A 820 7.74 -0.14 -20.40
C PHE A 820 7.10 0.75 -21.45
N LYS A 821 6.76 0.17 -22.61
CA LYS A 821 6.08 0.95 -23.65
C LYS A 821 4.80 1.58 -23.11
N SER A 822 4.04 0.85 -22.28
CA SER A 822 2.78 1.43 -21.81
C SER A 822 3.02 2.64 -20.91
N TYR A 823 4.15 2.65 -20.20
CA TYR A 823 4.49 3.83 -19.39
C TYR A 823 4.86 5.03 -20.25
N ILE A 824 5.59 4.84 -21.36
CA ILE A 824 6.10 6.01 -22.09
C ILE A 824 4.99 6.73 -22.86
N VAL A 825 3.87 6.06 -23.19
CA VAL A 825 2.76 6.71 -23.86
C VAL A 825 1.73 7.29 -22.90
N SER A 826 1.99 7.17 -21.60
CA SER A 826 1.09 7.69 -20.57
C SER A 826 1.72 8.91 -19.92
N LEU A 827 0.96 9.99 -19.81
CA LEU A 827 1.46 11.17 -19.10
C LEU A 827 1.60 10.87 -17.61
N PRO A 828 2.41 11.63 -16.89
CA PRO A 828 2.53 11.41 -15.45
C PRO A 828 1.17 11.55 -14.76
N GLN A 829 1.02 10.82 -13.66
CA GLN A 829 -0.19 10.87 -12.85
C GLN A 829 -0.51 12.30 -12.41
N ASP A 830 -1.81 12.61 -12.33
CA ASP A 830 -2.25 13.92 -11.87
C ASP A 830 -1.68 14.25 -10.49
N ARG A 831 -1.65 13.27 -9.59
CA ARG A 831 -1.16 13.52 -8.24
C ARG A 831 0.36 13.64 -8.18
N TYR A 832 1.08 13.22 -9.21
CA TYR A 832 2.48 13.58 -9.35
C TYR A 832 2.60 15.02 -9.85
N ILE A 833 1.83 15.36 -10.88
CA ILE A 833 1.89 16.69 -11.48
C ILE A 833 1.62 17.76 -10.43
N ILE A 834 0.67 17.50 -9.53
CA ILE A 834 0.21 18.58 -8.66
C ILE A 834 1.32 19.04 -7.72
N ASN A 835 2.31 18.19 -7.46
CA ASN A 835 3.41 18.62 -6.60
C ASN A 835 4.25 19.72 -7.22
N PHE A 836 4.01 20.04 -8.48
CA PHE A 836 4.85 21.00 -9.20
C PHE A 836 4.12 22.27 -9.60
N VAL A 837 2.85 22.42 -9.23
CA VAL A 837 2.04 23.56 -9.63
C VAL A 837 1.37 24.13 -8.38
N SER A 838 1.52 25.44 -8.17
CA SER A 838 0.76 26.13 -7.13
C SER A 838 -0.63 26.51 -7.63
N ASN A 839 -1.61 26.44 -6.74
CA ASN A 839 -2.98 26.85 -7.03
C ASN A 839 -3.52 26.18 -8.29
N LEU A 840 -3.34 24.87 -8.35
CA LEU A 840 -3.58 24.14 -9.60
C LEU A 840 -5.05 24.23 -10.00
N ASP A 841 -5.30 24.77 -11.19
CA ASP A 841 -6.64 24.79 -11.78
C ASP A 841 -6.82 23.46 -12.49
N THR A 842 -7.74 22.62 -11.98
CA THR A 842 -7.86 21.27 -12.52
C THR A 842 -8.43 21.27 -13.93
N ASP A 843 -9.26 22.26 -14.28
CA ASP A 843 -9.77 22.38 -15.65
CA ASP A 843 -9.75 22.31 -15.64
CA ASP A 843 -9.76 22.38 -15.64
C ASP A 843 -8.64 22.71 -16.61
N VAL A 844 -7.76 23.65 -16.21
CA VAL A 844 -6.63 24.00 -17.04
C VAL A 844 -5.70 22.80 -17.21
N LEU A 845 -5.49 22.03 -16.14
CA LEU A 845 -4.67 20.83 -16.28
C LEU A 845 -5.33 19.81 -17.22
N ALA A 846 -6.65 19.67 -17.13
CA ALA A 846 -7.31 18.72 -18.02
C ALA A 846 -7.17 19.16 -19.47
N ASP A 847 -7.28 20.47 -19.72
CA ASP A 847 -7.06 20.99 -21.07
C ASP A 847 -5.62 20.76 -21.52
N THR A 848 -4.67 20.89 -20.58
CA THR A 848 -3.26 20.68 -20.91
C THR A 848 -2.97 19.25 -21.31
N LYS A 849 -3.46 18.29 -20.50
CA LYS A 849 -3.25 16.88 -20.84
C LYS A 849 -3.91 16.55 -22.16
N GLU A 850 -5.12 17.07 -22.39
CA GLU A 850 -5.84 16.80 -23.63
C GLU A 850 -5.04 17.28 -24.83
N TYR A 851 -4.46 18.48 -24.75
CA TYR A 851 -3.67 19.00 -25.87
C TYR A 851 -2.45 18.11 -26.14
N ILE A 852 -1.75 17.72 -25.06
CA ILE A 852 -0.52 16.94 -25.23
C ILE A 852 -0.83 15.56 -25.80
N TYR A 853 -1.85 14.89 -25.26
CA TYR A 853 -2.23 13.59 -25.81
C TYR A 853 -2.64 13.71 -27.27
N LYS A 854 -3.33 14.79 -27.64
CA LYS A 854 -3.78 14.96 -29.02
C LYS A 854 -2.59 15.23 -29.95
N GLN A 855 -1.65 16.04 -29.48
CA GLN A 855 -0.41 16.29 -30.21
C GLN A 855 0.30 14.99 -30.58
N ILE A 856 0.49 14.11 -29.58
CA ILE A 856 1.23 12.87 -29.83
C ILE A 856 0.41 11.91 -30.67
N GLY A 857 -0.89 11.77 -30.36
CA GLY A 857 -1.76 10.92 -31.17
C GLY A 857 -1.86 11.37 -32.62
N ASP A 858 -1.91 12.69 -32.86
CA ASP A 858 -1.95 13.16 -34.24
C ASP A 858 -0.77 12.64 -35.06
N LYS A 859 0.35 12.33 -34.40
CA LYS A 859 1.49 11.77 -35.11
C LYS A 859 1.55 10.25 -35.04
N LEU A 860 1.18 9.64 -33.92
CA LEU A 860 1.47 8.23 -33.71
C LEU A 860 0.27 7.30 -33.76
N ASN A 861 -0.95 7.80 -34.02
CA ASN A 861 -2.12 6.94 -33.92
C ASN A 861 -2.04 5.74 -34.86
N ASP A 862 -1.49 5.93 -36.07
CA ASP A 862 -1.38 4.78 -36.98
C ASP A 862 -0.42 3.74 -36.41
N VAL A 863 0.67 4.21 -35.77
CA VAL A 863 1.57 3.30 -35.07
C VAL A 863 0.83 2.56 -33.97
N TYR A 864 0.04 3.30 -33.19
CA TYR A 864 -0.70 2.69 -32.10
C TYR A 864 -1.65 1.63 -32.61
N TYR A 865 -2.36 1.92 -33.69
CA TYR A 865 -3.33 0.96 -34.23
C TYR A 865 -2.62 -0.29 -34.74
N LYS A 866 -1.55 -0.11 -35.52
CA LYS A 866 -0.76 -1.24 -35.99
C LYS A 866 -0.31 -2.14 -34.85
N MET A 867 0.17 -1.55 -33.75
CA MET A 867 0.64 -2.34 -32.62
C MET A 867 -0.52 -3.02 -31.91
N PHE A 868 -1.64 -2.32 -31.75
CA PHE A 868 -2.80 -2.93 -31.11
C PHE A 868 -3.20 -4.21 -31.84
N LYS A 869 -3.15 -4.19 -33.18
CA LYS A 869 -3.49 -5.37 -33.96
C LYS A 869 -2.39 -6.43 -33.91
N SER A 870 -1.12 -6.02 -33.99
CA SER A 870 -0.06 -7.03 -34.04
C SER A 870 0.19 -7.68 -32.68
N LEU A 871 -0.16 -7.01 -31.59
CA LEU A 871 -0.01 -7.58 -30.26
C LEU A 871 -1.07 -8.60 -29.90
N GLU A 872 -2.17 -8.70 -30.66
CA GLU A 872 -3.30 -9.51 -30.23
CA GLU A 872 -3.30 -9.52 -30.24
C GLU A 872 -2.90 -10.97 -30.00
N ALA A 873 -2.16 -11.55 -30.94
CA ALA A 873 -1.88 -13.00 -30.90
C ALA A 873 -1.24 -13.40 -29.58
N LYS A 874 -0.15 -12.73 -29.21
CA LYS A 874 0.56 -13.08 -27.98
C LYS A 874 -0.16 -12.58 -26.73
N ALA A 875 -0.71 -11.36 -26.78
CA ALA A 875 -1.37 -10.79 -25.61
C ALA A 875 -2.56 -11.63 -25.17
N ASP A 876 -3.37 -12.09 -26.11
CA ASP A 876 -4.64 -12.72 -25.78
C ASP A 876 -4.59 -14.24 -25.93
N ASP A 877 -3.41 -14.81 -26.04
CA ASP A 877 -3.23 -16.26 -26.19
C ASP A 877 -3.96 -17.02 -25.08
N LEU A 878 -4.79 -17.99 -25.47
CA LEU A 878 -5.64 -18.71 -24.53
C LEU A 878 -5.07 -20.07 -24.11
N THR A 879 -3.82 -20.37 -24.48
CA THR A 879 -3.25 -21.69 -24.21
C THR A 879 -3.43 -22.12 -22.76
N TYR A 880 -3.18 -21.21 -21.81
CA TYR A 880 -3.18 -21.54 -20.39
C TYR A 880 -4.37 -20.93 -19.65
N PHE A 881 -5.42 -20.54 -20.37
CA PHE A 881 -6.56 -19.89 -19.73
C PHE A 881 -7.16 -20.76 -18.64
N ASN A 882 -7.14 -22.09 -18.79
CA ASN A 882 -7.71 -22.97 -17.80
C ASN A 882 -6.68 -23.60 -16.88
N ASP A 883 -5.46 -23.06 -16.86
CA ASP A 883 -4.45 -23.47 -15.91
C ASP A 883 -4.29 -22.32 -14.93
N GLU A 884 -4.88 -22.47 -13.74
CA GLU A 884 -4.82 -21.39 -12.78
C GLU A 884 -3.45 -21.22 -12.15
N SER A 885 -2.49 -22.11 -12.44
CA SER A 885 -1.16 -21.99 -11.87
CA SER A 885 -1.13 -22.04 -11.89
C SER A 885 -0.16 -21.35 -12.83
N HIS A 886 -0.56 -21.07 -14.06
CA HIS A 886 0.33 -20.53 -15.07
C HIS A 886 0.06 -19.03 -15.21
N VAL A 887 1.00 -18.21 -14.77
CA VAL A 887 0.83 -16.78 -14.77
C VAL A 887 2.03 -16.16 -15.47
N ASP A 888 1.76 -15.38 -16.51
CA ASP A 888 2.79 -14.85 -17.39
C ASP A 888 2.73 -13.34 -17.30
N PHE A 889 3.66 -12.75 -16.53
CA PHE A 889 3.61 -11.31 -16.33
C PHE A 889 3.98 -10.54 -17.59
N ASP A 890 4.79 -11.12 -18.47
CA ASP A 890 5.05 -10.45 -19.74
C ASP A 890 3.80 -10.39 -20.58
N GLN A 891 3.05 -11.49 -20.65
CA GLN A 891 1.82 -11.49 -21.43
C GLN A 891 0.82 -10.49 -20.87
N MET A 892 0.73 -10.41 -19.54
CA MET A 892 -0.19 -9.46 -18.93
C MET A 892 0.23 -8.02 -19.26
N ASN A 893 1.53 -7.76 -19.29
CA ASN A 893 2.02 -6.45 -19.73
C ASN A 893 1.68 -6.16 -21.19
N MET A 894 1.66 -7.20 -22.04
CA MET A 894 1.21 -7.00 -23.42
C MET A 894 -0.25 -6.58 -23.45
N ARG A 895 -1.09 -7.20 -22.62
CA ARG A 895 -2.48 -6.76 -22.53
C ARG A 895 -2.58 -5.34 -21.99
N THR A 896 -1.76 -5.00 -20.99
CA THR A 896 -1.75 -3.61 -20.52
C THR A 896 -1.45 -2.64 -21.65
N LEU A 897 -0.44 -2.97 -22.46
CA LEU A 897 -0.11 -2.12 -23.60
C LEU A 897 -1.27 -2.01 -24.59
N ARG A 898 -1.88 -3.16 -24.95
CA ARG A 898 -3.02 -3.13 -25.85
C ARG A 898 -4.15 -2.28 -25.32
N ASN A 899 -4.46 -2.42 -24.03
CA ASN A 899 -5.58 -1.70 -23.47
C ASN A 899 -5.27 -0.22 -23.30
N THR A 900 -3.99 0.12 -23.07
CA THR A 900 -3.57 1.52 -23.07
C THR A 900 -3.72 2.13 -24.47
N LEU A 901 -3.26 1.41 -25.49
CA LEU A 901 -3.36 1.91 -26.85
C LEU A 901 -4.82 2.03 -27.29
N LEU A 902 -5.66 1.05 -26.96
CA LEU A 902 -7.08 1.16 -27.30
C LEU A 902 -7.72 2.39 -26.66
N SER A 903 -7.37 2.69 -25.41
CA SER A 903 -7.86 3.90 -24.78
C SER A 903 -7.44 5.15 -25.55
N LEU A 904 -6.15 5.23 -25.92
CA LEU A 904 -5.68 6.40 -26.65
C LEU A 904 -6.40 6.54 -27.99
N LEU A 905 -6.59 5.42 -28.69
CA LEU A 905 -7.26 5.43 -29.99
C LEU A 905 -8.74 5.76 -29.86
N SER A 906 -9.39 5.29 -28.79
CA SER A 906 -10.82 5.57 -28.61
C SER A 906 -11.07 7.04 -28.31
N LYS A 907 -10.28 7.59 -27.39
CA LYS A 907 -10.41 9.01 -27.08
C LYS A 907 -10.17 9.83 -28.34
N ALA A 908 -9.26 9.39 -29.19
CA ALA A 908 -8.94 10.10 -30.42
C ALA A 908 -9.99 9.93 -31.50
N GLN A 909 -10.99 9.07 -31.30
CA GLN A 909 -12.00 8.78 -32.32
C GLN A 909 -11.35 8.31 -33.60
N TYR A 910 -10.33 7.48 -33.46
CA TYR A 910 -9.64 6.89 -34.59
C TYR A 910 -10.64 6.20 -35.51
N PRO A 911 -10.51 6.35 -36.84
CA PRO A 911 -11.52 5.79 -37.75
C PRO A 911 -11.86 4.34 -37.49
N ASN A 912 -13.15 4.08 -37.25
CA ASN A 912 -13.73 2.74 -37.11
C ASN A 912 -13.19 1.98 -35.89
N ILE A 913 -12.63 2.69 -34.90
CA ILE A 913 -12.11 2.00 -33.71
C ILE A 913 -13.23 1.35 -32.91
N LEU A 914 -14.49 1.79 -33.11
CA LEU A 914 -15.59 1.13 -32.42
C LEU A 914 -15.71 -0.33 -32.80
N ASN A 915 -15.35 -0.68 -34.04
CA ASN A 915 -15.31 -2.09 -34.43
C ASN A 915 -14.37 -2.88 -33.54
N GLU A 916 -13.20 -2.33 -33.23
CA GLU A 916 -12.25 -3.05 -32.39
C GLU A 916 -12.76 -3.12 -30.96
N ILE A 917 -13.45 -2.08 -30.49
CA ILE A 917 -13.99 -2.09 -29.13
C ILE A 917 -15.00 -3.21 -28.97
N ILE A 918 -15.90 -3.33 -29.93
CA ILE A 918 -16.94 -4.36 -29.86
C ILE A 918 -16.33 -5.75 -29.89
N GLU A 919 -15.32 -5.97 -30.74
CA GLU A 919 -14.64 -7.27 -30.75
C GLU A 919 -13.89 -7.51 -29.44
N HIS A 920 -13.28 -6.46 -28.87
CA HIS A 920 -12.61 -6.58 -27.59
C HIS A 920 -13.58 -7.02 -26.48
N SER A 921 -14.83 -6.57 -26.57
CA SER A 921 -15.81 -6.91 -25.55
C SER A 921 -16.12 -8.40 -25.54
N LYS A 922 -15.74 -9.14 -26.58
CA LYS A 922 -15.98 -10.56 -26.68
C LYS A 922 -14.79 -11.39 -26.19
N SER A 923 -13.71 -10.75 -25.77
CA SER A 923 -12.55 -11.47 -25.29
C SER A 923 -12.86 -12.18 -23.97
N PRO A 924 -12.33 -13.40 -23.77
CA PRO A 924 -12.55 -14.09 -22.48
C PRO A 924 -11.86 -13.44 -21.29
N TYR A 925 -10.91 -12.52 -21.50
CA TYR A 925 -10.13 -11.96 -20.39
C TYR A 925 -10.83 -10.75 -19.81
N PRO A 926 -11.15 -10.75 -18.50
CA PRO A 926 -11.83 -9.58 -17.92
C PRO A 926 -11.07 -8.28 -18.06
N SER A 927 -9.73 -8.31 -18.07
CA SER A 927 -9.00 -7.08 -18.31
C SER A 927 -9.41 -6.48 -19.65
N ASN A 928 -9.64 -7.33 -20.65
CA ASN A 928 -10.04 -6.84 -21.96
C ASN A 928 -11.50 -6.41 -21.97
N TRP A 929 -12.42 -7.28 -21.55
CA TRP A 929 -13.81 -6.89 -21.75
C TRP A 929 -14.22 -5.75 -20.82
N LEU A 930 -13.59 -5.62 -19.65
CA LEU A 930 -13.82 -4.42 -18.84
C LEU A 930 -13.21 -3.19 -19.50
N THR A 931 -12.04 -3.34 -20.14
CA THR A 931 -11.51 -2.19 -20.88
C THR A 931 -12.49 -1.76 -21.97
N SER A 932 -13.17 -2.72 -22.60
CA SER A 932 -14.07 -2.38 -23.69
C SER A 932 -15.19 -1.48 -23.18
N LEU A 933 -15.66 -1.73 -21.95
CA LEU A 933 -16.64 -0.84 -21.32
C LEU A 933 -16.08 0.57 -21.16
N SER A 934 -14.90 0.71 -20.55
CA SER A 934 -14.41 2.04 -20.27
C SER A 934 -14.11 2.82 -21.55
N VAL A 935 -13.50 2.19 -22.55
CA VAL A 935 -13.17 2.95 -23.76
C VAL A 935 -14.42 3.22 -24.60
N SER A 936 -15.49 2.46 -24.40
CA SER A 936 -16.72 2.77 -25.12
C SER A 936 -17.44 4.00 -24.57
N ALA A 937 -16.97 4.56 -23.45
CA ALA A 937 -17.53 5.81 -22.94
C ALA A 937 -17.66 6.88 -24.02
N TYR A 938 -16.76 6.88 -25.01
CA TYR A 938 -16.74 7.89 -26.06
C TYR A 938 -17.64 7.56 -27.24
N PHE A 939 -18.53 6.57 -27.12
CA PHE A 939 -19.36 6.13 -28.22
C PHE A 939 -20.78 5.86 -27.72
N ASP A 940 -21.71 5.74 -28.67
CA ASP A 940 -23.11 5.49 -28.32
CA ASP A 940 -23.11 5.47 -28.35
C ASP A 940 -23.35 4.06 -27.85
N LYS A 941 -22.35 3.19 -27.91
CA LYS A 941 -22.52 1.82 -27.47
C LYS A 941 -22.24 1.64 -25.98
N TYR A 942 -21.96 2.72 -25.26
CA TYR A 942 -21.53 2.60 -23.87
C TYR A 942 -22.54 1.81 -23.03
N PHE A 943 -23.81 2.19 -23.10
CA PHE A 943 -24.75 1.54 -22.20
C PHE A 943 -25.07 0.12 -22.63
N GLU A 944 -24.92 -0.20 -23.92
CA GLU A 944 -25.03 -1.58 -24.35
C GLU A 944 -23.92 -2.44 -23.73
N LEU A 945 -22.69 -1.91 -23.69
CA LEU A 945 -21.59 -2.64 -23.08
C LEU A 945 -21.70 -2.63 -21.55
N TYR A 946 -22.25 -1.55 -20.99
CA TYR A 946 -22.58 -1.51 -19.57
C TYR A 946 -23.42 -2.71 -19.16
N ASP A 947 -24.50 -2.95 -19.91
CA ASP A 947 -25.39 -4.07 -19.59
C ASP A 947 -24.73 -5.41 -19.88
N LYS A 948 -24.00 -5.50 -21.00
CA LYS A 948 -23.32 -6.74 -21.33
C LYS A 948 -22.32 -7.12 -20.25
N THR A 949 -21.49 -6.16 -19.83
CA THR A 949 -20.46 -6.48 -18.85
C THR A 949 -21.04 -6.64 -17.46
N TYR A 950 -22.14 -5.94 -17.15
CA TYR A 950 -22.80 -6.19 -15.88
C TYR A 950 -23.25 -7.64 -15.79
N LYS A 951 -23.85 -8.14 -16.87
CA LYS A 951 -24.31 -9.52 -16.84
C LYS A 951 -23.14 -10.48 -16.66
N LEU A 952 -21.98 -10.18 -17.26
CA LEU A 952 -20.80 -11.03 -17.08
C LEU A 952 -20.22 -10.96 -15.67
N SER A 953 -20.47 -9.87 -14.94
CA SER A 953 -19.82 -9.64 -13.65
C SER A 953 -20.67 -9.98 -12.45
N LYS A 954 -22.00 -9.98 -12.57
CA LYS A 954 -22.86 -9.86 -11.40
C LYS A 954 -22.89 -11.11 -10.53
N ASP A 955 -22.39 -12.24 -11.00
CA ASP A 955 -22.50 -13.49 -10.25
C ASP A 955 -21.21 -13.88 -9.54
N ASP A 956 -20.17 -13.04 -9.64
CA ASP A 956 -18.94 -13.18 -8.86
C ASP A 956 -18.76 -11.91 -8.06
N GLU A 957 -18.66 -12.04 -6.74
CA GLU A 957 -18.64 -10.88 -5.86
C GLU A 957 -17.47 -9.95 -6.19
N LEU A 958 -16.30 -10.53 -6.42
CA LEU A 958 -15.13 -9.69 -6.66
C LEU A 958 -15.12 -9.10 -8.06
N LEU A 959 -15.57 -9.87 -9.05
CA LEU A 959 -15.70 -9.35 -10.41
C LEU A 959 -16.70 -8.20 -10.47
N LEU A 960 -17.81 -8.32 -9.74
CA LEU A 960 -18.77 -7.22 -9.72
C LEU A 960 -18.14 -5.96 -9.16
N GLN A 961 -17.29 -6.09 -8.13
CA GLN A 961 -16.59 -4.91 -7.62
C GLN A 961 -15.65 -4.33 -8.67
N GLU A 962 -15.03 -5.19 -9.50
CA GLU A 962 -14.18 -4.66 -10.57
C GLU A 962 -15.03 -3.97 -11.62
N TRP A 963 -16.22 -4.50 -11.90
CA TRP A 963 -17.16 -3.81 -12.79
C TRP A 963 -17.54 -2.44 -12.24
N LEU A 964 -17.87 -2.38 -10.94
CA LEU A 964 -18.19 -1.10 -10.31
C LEU A 964 -17.07 -0.08 -10.50
N LYS A 965 -15.82 -0.50 -10.26
CA LYS A 965 -14.67 0.38 -10.46
C LYS A 965 -14.61 0.88 -11.90
N THR A 966 -14.86 -0.01 -12.86
CA THR A 966 -14.79 0.37 -14.28
C THR A 966 -15.84 1.42 -14.62
N VAL A 967 -17.07 1.22 -14.13
CA VAL A 967 -18.10 2.22 -14.33
C VAL A 967 -17.70 3.53 -13.65
N SER A 968 -17.26 3.42 -12.39
CA SER A 968 -16.88 4.60 -11.60
C SER A 968 -15.86 5.47 -12.32
N ARG A 969 -14.86 4.88 -12.97
CA ARG A 969 -13.83 5.69 -13.61
CA ARG A 969 -13.82 5.67 -13.62
C ARG A 969 -14.10 5.95 -15.09
N SER A 970 -15.28 5.56 -15.58
CA SER A 970 -15.63 5.80 -16.98
C SER A 970 -15.65 7.30 -17.29
N ASP A 971 -15.05 7.68 -18.41
CA ASP A 971 -14.98 9.09 -18.81
C ASP A 971 -16.29 9.47 -19.49
N ARG A 972 -17.32 9.68 -18.66
CA ARG A 972 -18.68 9.95 -19.11
C ARG A 972 -19.10 11.35 -18.68
N LYS A 973 -19.70 12.10 -19.60
CA LYS A 973 -20.25 13.39 -19.23
C LYS A 973 -21.43 13.23 -18.27
N ASP A 974 -22.15 12.11 -18.34
CA ASP A 974 -23.25 11.84 -17.44
C ASP A 974 -22.84 11.00 -16.23
N ILE A 975 -21.59 11.12 -15.76
CA ILE A 975 -21.10 10.24 -14.69
C ILE A 975 -21.88 10.43 -13.39
N TYR A 976 -22.36 11.64 -13.11
CA TYR A 976 -23.11 11.84 -11.86
C TYR A 976 -24.44 11.09 -11.90
N GLU A 977 -25.10 11.09 -13.06
CA GLU A 977 -26.32 10.31 -13.19
C GLU A 977 -26.03 8.83 -13.12
N ILE A 978 -24.89 8.39 -13.67
CA ILE A 978 -24.52 6.98 -13.62
C ILE A 978 -24.21 6.54 -12.19
N LEU A 979 -23.53 7.38 -11.41
CA LEU A 979 -23.27 7.01 -10.01
C LEU A 979 -24.57 6.88 -9.23
N LYS A 980 -25.57 7.72 -9.54
CA LYS A 980 -26.86 7.57 -8.88
C LYS A 980 -27.50 6.24 -9.24
N LYS A 981 -27.39 5.84 -10.51
CA LYS A 981 -27.86 4.55 -10.93
C LYS A 981 -27.14 3.42 -10.19
N LEU A 982 -25.82 3.52 -10.05
CA LEU A 982 -25.08 2.50 -9.28
C LEU A 982 -25.60 2.42 -7.85
N GLU A 983 -25.83 3.57 -7.23
CA GLU A 983 -26.30 3.60 -5.85
C GLU A 983 -27.65 2.91 -5.72
N ASN A 984 -28.58 3.24 -6.62
CA ASN A 984 -29.94 2.71 -6.51
C ASN A 984 -30.01 1.24 -6.92
N GLU A 985 -29.23 0.82 -7.91
CA GLU A 985 -29.44 -0.51 -8.47
C GLU A 985 -28.45 -1.55 -7.99
N VAL A 986 -27.26 -1.17 -7.53
CA VAL A 986 -26.22 -2.14 -7.23
C VAL A 986 -25.66 -1.99 -5.82
N LEU A 987 -25.20 -0.77 -5.48
CA LEU A 987 -24.58 -0.55 -4.18
C LEU A 987 -25.60 -0.61 -3.06
N LYS A 988 -26.65 0.20 -3.15
CA LYS A 988 -27.72 0.25 -2.14
C LYS A 988 -27.09 0.64 -0.80
N ASP A 989 -27.43 -0.03 0.29
CA ASP A 989 -26.89 0.30 1.59
C ASP A 989 -25.88 -0.73 2.07
N SER A 990 -25.15 -1.35 1.12
CA SER A 990 -24.04 -2.23 1.47
C SER A 990 -23.10 -1.53 2.45
N LYS A 991 -22.67 -2.28 3.46
CA LYS A 991 -21.60 -1.86 4.36
C LYS A 991 -20.28 -2.55 4.07
N ASN A 992 -20.19 -3.26 2.94
CA ASN A 992 -18.95 -3.90 2.54
C ASN A 992 -17.97 -2.83 2.07
N PRO A 993 -16.80 -2.68 2.70
CA PRO A 993 -15.87 -1.63 2.26
C PRO A 993 -15.46 -1.76 0.81
N ASN A 994 -15.32 -2.99 0.29
CA ASN A 994 -14.94 -3.15 -1.11
C ASN A 994 -16.01 -2.54 -2.02
N ASP A 995 -17.28 -2.68 -1.64
CA ASP A 995 -18.35 -2.11 -2.47
C ASP A 995 -18.28 -0.59 -2.48
N ILE A 996 -18.18 0.02 -1.30
CA ILE A 996 -18.18 1.48 -1.19
C ILE A 996 -16.95 2.06 -1.89
N ARG A 997 -15.78 1.48 -1.62
CA ARG A 997 -14.55 1.96 -2.25
C ARG A 997 -14.60 1.82 -3.77
N ALA A 998 -15.17 0.73 -4.28
CA ALA A 998 -15.25 0.52 -5.73
C ALA A 998 -16.12 1.59 -6.42
N VAL A 999 -17.24 1.94 -5.79
CA VAL A 999 -18.18 2.87 -6.42
C VAL A 999 -17.62 4.28 -6.47
N TYR A 1000 -16.91 4.70 -5.42
CA TYR A 1000 -16.59 6.12 -5.30
C TYR A 1000 -15.14 6.49 -5.56
N LEU A 1001 -14.15 5.67 -5.18
CA LEU A 1001 -12.77 6.17 -5.26
C LEU A 1001 -12.31 6.37 -6.71
N PRO A 1002 -12.63 5.48 -7.67
CA PRO A 1002 -12.12 5.75 -9.02
C PRO A 1002 -12.67 7.04 -9.60
N PHE A 1003 -13.95 7.31 -9.35
CA PHE A 1003 -14.57 8.56 -9.79
C PHE A 1003 -13.83 9.78 -9.26
N THR A 1004 -13.33 9.74 -8.03
CA THR A 1004 -12.62 10.89 -7.50
C THR A 1004 -11.33 11.19 -8.26
N ASN A 1005 -10.89 10.29 -9.13
CA ASN A 1005 -9.72 10.57 -9.95
C ASN A 1005 -10.10 11.15 -11.31
N ASN A 1006 -11.39 11.38 -11.54
CA ASN A 1006 -11.87 12.04 -12.76
C ASN A 1006 -11.58 13.52 -12.62
N LEU A 1007 -10.49 13.96 -13.27
CA LEU A 1007 -10.00 15.33 -13.08
C LEU A 1007 -11.07 16.36 -13.44
N ARG A 1008 -11.77 16.16 -14.56
CA ARG A 1008 -12.70 17.18 -15.03
C ARG A 1008 -14.00 17.16 -14.25
N ARG A 1009 -14.50 15.98 -13.88
CA ARG A 1009 -15.83 15.83 -13.29
CA ARG A 1009 -15.83 15.86 -13.29
C ARG A 1009 -15.84 15.83 -11.77
N PHE A 1010 -14.89 15.15 -11.12
CA PHE A 1010 -14.89 15.17 -9.66
C PHE A 1010 -14.69 16.59 -9.16
N HIS A 1011 -13.84 17.35 -9.85
CA HIS A 1011 -13.52 18.73 -9.48
C HIS A 1011 -14.42 19.74 -10.17
N ASP A 1012 -15.63 19.35 -10.56
CA ASP A 1012 -16.61 20.28 -11.10
C ASP A 1012 -16.66 21.53 -10.24
N ILE A 1013 -16.59 22.69 -10.91
CA ILE A 1013 -16.47 23.96 -10.20
C ILE A 1013 -17.68 24.26 -9.32
N SER A 1014 -18.80 23.56 -9.53
CA SER A 1014 -19.93 23.69 -8.60
C SER A 1014 -19.63 23.14 -7.22
N GLY A 1015 -18.61 22.29 -7.10
CA GLY A 1015 -18.36 21.59 -5.87
C GLY A 1015 -19.24 20.38 -5.63
N LYS A 1016 -20.03 19.95 -6.61
CA LYS A 1016 -20.95 18.84 -6.38
C LYS A 1016 -20.24 17.51 -6.17
N GLY A 1017 -19.03 17.35 -6.71
CA GLY A 1017 -18.29 16.12 -6.45
C GLY A 1017 -17.75 16.08 -5.04
N TYR A 1018 -17.29 17.23 -4.54
CA TYR A 1018 -16.87 17.32 -3.15
C TYR A 1018 -18.03 17.04 -2.20
N LYS A 1019 -19.21 17.59 -2.51
CA LYS A 1019 -20.41 17.35 -1.71
C LYS A 1019 -20.75 15.87 -1.68
N LEU A 1020 -20.68 15.22 -2.84
CA LEU A 1020 -21.07 13.82 -2.94
C LEU A 1020 -20.17 12.94 -2.09
N ILE A 1021 -18.85 13.12 -2.19
CA ILE A 1021 -17.92 12.29 -1.44
CA ILE A 1021 -17.95 12.25 -1.43
C ILE A 1021 -18.04 12.58 0.05
N ALA A 1022 -18.22 13.86 0.41
CA ALA A 1022 -18.39 14.19 1.82
C ALA A 1022 -19.63 13.51 2.40
N GLU A 1023 -20.73 13.45 1.65
CA GLU A 1023 -21.92 12.74 2.11
C GLU A 1023 -21.65 11.25 2.31
N VAL A 1024 -20.86 10.65 1.41
CA VAL A 1024 -20.52 9.24 1.56
C VAL A 1024 -19.64 9.03 2.79
N ILE A 1025 -18.67 9.92 3.02
CA ILE A 1025 -17.78 9.80 4.17
C ILE A 1025 -18.59 9.84 5.47
N THR A 1026 -19.47 10.83 5.59
CA THR A 1026 -20.27 10.97 6.80
C THR A 1026 -21.18 9.76 7.00
N LYS A 1027 -21.78 9.25 5.91
CA LYS A 1027 -22.63 8.06 6.02
C LYS A 1027 -21.83 6.85 6.50
N THR A 1028 -20.64 6.66 5.90
CA THR A 1028 -19.80 5.52 6.22
C THR A 1028 -19.23 5.62 7.64
N ASP A 1029 -18.94 6.84 8.10
CA ASP A 1029 -18.39 7.06 9.43
C ASP A 1029 -19.31 6.54 10.53
N LYS A 1030 -20.61 6.45 10.25
CA LYS A 1030 -21.54 5.93 11.26
C LYS A 1030 -21.22 4.50 11.63
N PHE A 1031 -20.72 3.70 10.69
CA PHE A 1031 -20.47 2.29 10.99
C PHE A 1031 -19.02 1.84 10.83
N ASN A 1032 -18.19 2.59 10.08
CA ASN A 1032 -16.81 2.19 9.85
C ASN A 1032 -15.92 3.41 9.74
N PRO A 1033 -15.46 3.94 10.88
CA PRO A 1033 -14.63 5.14 10.86
C PRO A 1033 -13.34 4.98 10.09
N MET A 1034 -12.72 3.79 10.10
CA MET A 1034 -11.45 3.68 9.43
C MET A 1034 -11.64 3.79 7.92
N VAL A 1035 -12.70 3.15 7.38
CA VAL A 1035 -12.96 3.27 5.96
C VAL A 1035 -13.47 4.67 5.62
N ALA A 1036 -14.22 5.31 6.52
CA ALA A 1036 -14.61 6.69 6.25
C ALA A 1036 -13.38 7.59 6.06
N THR A 1037 -12.32 7.36 6.84
CA THR A 1037 -11.13 8.17 6.68
CA THR A 1037 -11.14 8.20 6.66
C THR A 1037 -10.40 7.84 5.37
N GLN A 1038 -10.39 6.56 4.96
CA GLN A 1038 -9.87 6.21 3.65
C GLN A 1038 -10.59 6.98 2.55
N LEU A 1039 -11.90 7.16 2.68
CA LEU A 1039 -12.66 7.84 1.65
C LEU A 1039 -12.39 9.34 1.61
N CYS A 1040 -11.64 9.86 2.58
CA CYS A 1040 -11.19 11.26 2.57
C CYS A 1040 -10.02 11.52 1.63
N GLU A 1041 -9.46 10.47 1.04
CA GLU A 1041 -8.25 10.63 0.22
CA GLU A 1041 -8.25 10.62 0.22
C GLU A 1041 -8.31 11.79 -0.77
N PRO A 1042 -9.40 12.00 -1.52
CA PRO A 1042 -9.38 13.11 -2.49
C PRO A 1042 -9.11 14.46 -1.87
N PHE A 1043 -9.45 14.63 -0.60
CA PHE A 1043 -9.27 15.94 0.03
C PHE A 1043 -7.83 16.22 0.42
N LYS A 1044 -6.93 15.23 0.32
CA LYS A 1044 -5.57 15.43 0.83
C LYS A 1044 -4.86 16.55 0.10
N LEU A 1045 -5.23 16.85 -1.14
CA LEU A 1045 -4.55 17.89 -1.90
C LEU A 1045 -5.29 19.22 -1.87
N TRP A 1046 -6.26 19.39 -0.96
CA TRP A 1046 -7.18 20.53 -1.02
C TRP A 1046 -6.47 21.87 -1.11
N ASN A 1047 -5.38 22.05 -0.36
CA ASN A 1047 -4.73 23.37 -0.33
C ASN A 1047 -3.75 23.56 -1.47
N LYS A 1048 -3.69 22.62 -2.42
CA LYS A 1048 -2.87 22.76 -3.61
C LYS A 1048 -3.66 23.22 -4.83
N LEU A 1049 -4.97 23.28 -4.73
CA LEU A 1049 -5.82 23.63 -5.87
C LEU A 1049 -5.99 25.14 -5.97
N ASP A 1050 -6.66 25.56 -7.04
CA ASP A 1050 -6.99 26.97 -7.20
C ASP A 1050 -7.87 27.44 -6.03
N THR A 1051 -7.82 28.75 -5.76
CA THR A 1051 -8.45 29.22 -4.52
C THR A 1051 -9.95 28.93 -4.47
N LYS A 1052 -10.62 28.85 -5.63
CA LYS A 1052 -12.04 28.54 -5.59
C LYS A 1052 -12.28 27.11 -5.13
N ARG A 1053 -11.51 26.16 -5.65
CA ARG A 1053 -11.69 24.76 -5.26
C ARG A 1053 -11.20 24.52 -3.84
N GLN A 1054 -10.13 25.21 -3.41
CA GLN A 1054 -9.71 25.16 -2.02
C GLN A 1054 -10.89 25.49 -1.11
N GLU A 1055 -11.59 26.58 -1.42
CA GLU A 1055 -12.72 27.01 -0.61
C GLU A 1055 -13.83 25.96 -0.61
N LEU A 1056 -14.15 25.43 -1.78
CA LEU A 1056 -15.20 24.42 -1.89
C LEU A 1056 -14.85 23.17 -1.08
N MET A 1057 -13.61 22.68 -1.21
CA MET A 1057 -13.21 21.52 -0.42
C MET A 1057 -13.21 21.83 1.08
N LEU A 1058 -12.71 23.01 1.45
CA LEU A 1058 -12.64 23.34 2.87
C LEU A 1058 -14.02 23.42 3.48
N ASN A 1059 -14.99 23.97 2.73
CA ASN A 1059 -16.36 24.03 3.22
CA ASN A 1059 -16.37 24.02 3.21
C ASN A 1059 -16.90 22.63 3.51
N GLU A 1060 -16.69 21.68 2.58
CA GLU A 1060 -17.19 20.34 2.84
C GLU A 1060 -16.49 19.70 4.01
N MET A 1061 -15.20 20.00 4.20
CA MET A 1061 -14.47 19.36 5.29
C MET A 1061 -14.90 19.94 6.64
N ASN A 1062 -15.18 21.25 6.68
CA ASN A 1062 -15.74 21.86 7.87
C ASN A 1062 -17.17 21.36 8.14
N THR A 1063 -17.96 21.14 7.09
CA THR A 1063 -19.28 20.55 7.27
C THR A 1063 -19.16 19.17 7.92
N MET A 1064 -18.23 18.36 7.43
CA MET A 1064 -18.04 17.02 7.99
C MET A 1064 -17.61 17.11 9.45
N LEU A 1065 -16.75 18.08 9.78
CA LEU A 1065 -16.26 18.25 11.14
C LEU A 1065 -17.35 18.70 12.10
N GLN A 1066 -18.41 19.31 11.59
CA GLN A 1066 -19.51 19.77 12.43
C GLN A 1066 -20.54 18.70 12.73
N GLU A 1067 -20.42 17.51 12.14
CA GLU A 1067 -21.37 16.44 12.40
C GLU A 1067 -21.30 16.02 13.87
N PRO A 1068 -22.40 16.08 14.61
CA PRO A 1068 -22.32 15.78 16.04
C PRO A 1068 -21.83 14.39 16.35
N GLN A 1069 -22.09 13.41 15.48
CA GLN A 1069 -21.73 12.03 15.72
C GLN A 1069 -20.39 11.63 15.08
N ILE A 1070 -19.56 12.60 14.69
CA ILE A 1070 -18.30 12.28 14.02
C ILE A 1070 -17.41 11.39 14.89
N SER A 1071 -16.77 10.42 14.25
CA SER A 1071 -15.90 9.48 14.96
C SER A 1071 -14.62 10.14 15.41
N ASN A 1072 -13.94 9.49 16.36
CA ASN A 1072 -12.62 9.95 16.76
C ASN A 1072 -11.66 9.95 15.56
N ASN A 1073 -11.71 8.88 14.76
CA ASN A 1073 -10.84 8.73 13.59
C ASN A 1073 -10.99 9.90 12.65
N LEU A 1074 -12.23 10.15 12.23
CA LEU A 1074 -12.47 11.13 11.18
C LEU A 1074 -12.22 12.54 11.69
N LYS A 1075 -12.61 12.82 12.94
CA LYS A 1075 -12.38 14.15 13.50
C LYS A 1075 -10.90 14.48 13.54
N GLU A 1076 -10.09 13.57 14.09
CA GLU A 1076 -8.68 13.88 14.23
C GLU A 1076 -8.03 14.03 12.86
N TYR A 1077 -8.43 13.19 11.91
CA TYR A 1077 -7.89 13.26 10.56
C TYR A 1077 -8.19 14.60 9.90
N LEU A 1078 -9.46 15.02 9.95
CA LEU A 1078 -9.83 16.27 9.30
C LEU A 1078 -9.28 17.48 10.03
N LEU A 1079 -9.15 17.41 11.35
CA LEU A 1079 -8.51 18.52 12.07
C LEU A 1079 -7.05 18.68 11.63
N ARG A 1080 -6.32 17.58 11.48
CA ARG A 1080 -4.94 17.67 10.99
C ARG A 1080 -4.90 18.17 9.56
N LEU A 1081 -5.80 17.65 8.71
CA LEU A 1081 -5.76 17.98 7.29
C LEU A 1081 -6.11 19.44 7.05
N THR A 1082 -7.02 20.00 7.84
CA THR A 1082 -7.42 21.40 7.68
C THR A 1082 -6.60 22.37 8.51
N ASN A 1083 -5.55 21.90 9.19
CA ASN A 1083 -4.67 22.79 9.97
C ASN A 1083 -5.47 23.55 11.04
N LYS A 1084 -6.36 22.84 11.73
CA LYS A 1084 -7.23 23.47 12.72
C LYS A 1084 -6.65 23.30 14.11
#